data_3O9M
#
_entry.id   3O9M
#
_cell.length_a   150.392
_cell.length_b   150.392
_cell.length_c   142.448
_cell.angle_alpha   90.00
_cell.angle_beta   90.00
_cell.angle_gamma   90.00
#
_symmetry.space_group_name_H-M   'P 4 21 2'
#
loop_
_entity.id
_entity.type
_entity.pdbx_description
1 polymer Cholinesterase
2 non-polymer 'BENZOIC ACID'
3 water water
#
_entity_poly.entity_id   1
_entity_poly.type   'polypeptide(L)'
_entity_poly.pdbx_seq_one_letter_code
;EDDIIIATKNGKVRGMNLTVFGGTVTAFLGIPYAQPPLGRLRFKKPQSLTKWSDIWNATKYANSCCQNIDQSFPGFHGSE
MWNPNTDLSEDCLYLNVWIPAPKPKNATVLIWIYGGGFQTGTSSLHVYDGKFLARVERVIVVSMNYRVGALGFLALPGNP
EAPGNMGLFDQQLALQWVQKNIAAFGGNPKSVTLFGESAGAASVSLHLLSPGSHSLFTRAILQSGSFNAPWAVTSLYEAR
NRTLNLAKLTGCSRENETEIIKCLRNKDPQEILLNEAFVVPYGTPLSVNFGPTVDGDFLTDMPDILLELGQFKKTQILVG
VNKDEGTAFLVYGAPGFSKDNNSIITRKEFQEGLKIFFPGVSEFGKESILFHYTDWVDDQRPENYREALGDVVGDYNFIC
PALEFTKKFSEWGNNAFFYYFEHRSSKLPWPEWMGVMHGYEIEFVFGLPLERRDNYTKAEEILSRSIVKRWANFAKYGNP
NETQNNSTSWPVFKSTEQKYLTLNTESTRIMTKLRAQQCRFWTSFFPKVLEMTGNIDEAEWEWKAGFHRWNNYMMDWKNQ
FNDYTSKKESCVGL
;
_entity_poly.pdbx_strand_id   A,B
#
loop_
_chem_comp.id
_chem_comp.type
_chem_comp.name
_chem_comp.formula
BEZ non-polymer 'BENZOIC ACID' 'C7 H6 O2'
#
# COMPACT_ATOMS: atom_id res chain seq x y z
N ILE A 4 29.23 -38.13 14.03
CA ILE A 4 28.11 -39.00 13.58
C ILE A 4 28.45 -39.65 12.23
N ILE A 5 28.05 -40.91 12.04
CA ILE A 5 28.40 -41.65 10.83
C ILE A 5 27.16 -42.22 10.16
N ILE A 6 26.96 -41.90 8.89
CA ILE A 6 25.78 -42.31 8.11
C ILE A 6 26.26 -43.06 6.86
N ALA A 7 25.57 -44.14 6.50
CA ALA A 7 25.93 -44.88 5.29
C ALA A 7 25.10 -44.47 4.09
N THR A 8 25.77 -43.97 3.05
CA THR A 8 25.10 -43.64 1.80
C THR A 8 25.36 -44.81 0.88
N LYS A 9 24.65 -44.87 -0.24
CA LYS A 9 24.78 -45.95 -1.24
C LYS A 9 26.20 -46.09 -1.82
N ASN A 10 27.05 -45.08 -1.64
CA ASN A 10 28.45 -45.18 -2.07
C ASN A 10 29.42 -45.14 -0.88
N GLY A 11 29.08 -45.80 0.20
CA GLY A 11 29.97 -45.79 1.34
C GLY A 11 29.52 -44.75 2.32
N LYS A 12 30.26 -44.66 3.41
CA LYS A 12 29.80 -44.02 4.62
C LYS A 12 30.42 -42.65 4.72
N VAL A 13 29.78 -41.76 5.47
CA VAL A 13 30.29 -40.40 5.67
C VAL A 13 30.24 -39.98 7.14
N ARG A 14 31.24 -39.21 7.57
CA ARG A 14 31.26 -38.67 8.93
C ARG A 14 30.96 -37.19 8.93
N GLY A 15 30.05 -36.78 9.80
CA GLY A 15 29.68 -35.38 9.94
C GLY A 15 30.26 -34.69 11.16
N MET A 16 29.72 -33.52 11.48
CA MET A 16 30.07 -32.83 12.72
C MET A 16 28.84 -32.38 13.50
N ASN A 17 29.05 -32.07 14.78
CA ASN A 17 28.00 -31.58 15.67
C ASN A 17 28.21 -30.09 15.86
N LEU A 18 27.22 -29.29 15.42
CA LEU A 18 27.26 -27.84 15.54
C LEU A 18 26.30 -27.45 16.66
N THR A 19 26.66 -26.42 17.43
CA THR A 19 25.71 -25.90 18.47
C THR A 19 25.04 -24.58 18.11
N VAL A 20 23.74 -24.68 17.91
CA VAL A 20 22.89 -23.59 17.41
C VAL A 20 21.75 -23.35 18.39
N PHE A 21 21.72 -22.17 19.00
CA PHE A 21 20.61 -21.76 19.91
C PHE A 21 20.32 -22.76 21.04
N GLY A 22 21.33 -23.00 21.87
CA GLY A 22 21.22 -23.91 23.01
C GLY A 22 20.93 -25.36 22.64
N GLY A 23 21.05 -25.70 21.34
CA GLY A 23 20.67 -27.03 20.84
C GLY A 23 21.70 -27.51 19.84
N THR A 24 21.38 -28.58 19.11
CA THR A 24 22.41 -29.17 18.24
C THR A 24 21.92 -29.37 16.80
N VAL A 25 22.77 -29.09 15.82
CA VAL A 25 22.49 -29.45 14.40
C VAL A 25 23.65 -30.28 13.90
N THR A 26 23.33 -31.37 13.22
CA THR A 26 24.33 -32.24 12.62
C THR A 26 24.68 -31.77 11.17
N ALA A 27 25.94 -31.43 10.93
CA ALA A 27 26.39 -30.93 9.62
C ALA A 27 27.20 -31.94 8.80
N PHE A 28 26.94 -32.03 7.50
CA PHE A 28 27.75 -32.88 6.65
C PHE A 28 28.19 -32.05 5.49
N LEU A 29 29.23 -31.26 5.69
CA LEU A 29 29.77 -30.36 4.70
C LEU A 29 30.62 -31.07 3.63
N GLY A 30 30.30 -30.93 2.37
CA GLY A 30 31.24 -31.32 1.36
C GLY A 30 31.31 -32.78 1.00
N ILE A 31 30.17 -33.48 1.05
CA ILE A 31 30.03 -34.83 0.50
C ILE A 31 30.08 -34.71 -1.01
N PRO A 32 30.90 -35.50 -1.69
CA PRO A 32 30.87 -35.59 -3.13
C PRO A 32 29.59 -36.28 -3.63
N TYR A 33 29.15 -35.92 -4.83
CA TYR A 33 27.97 -36.54 -5.40
C TYR A 33 28.18 -36.92 -6.83
N ALA A 34 29.38 -36.62 -7.34
CA ALA A 34 29.76 -36.98 -8.72
C ALA A 34 31.28 -37.11 -8.90
N GLN A 35 31.68 -37.65 -10.04
CA GLN A 35 33.10 -37.74 -10.37
C GLN A 35 33.63 -36.39 -10.71
N PRO A 36 34.83 -36.06 -10.20
CA PRO A 36 35.41 -34.76 -10.52
C PRO A 36 35.50 -34.54 -12.04
N PRO A 37 34.85 -33.47 -12.58
CA PRO A 37 34.79 -33.18 -14.02
C PRO A 37 36.10 -32.67 -14.63
N LEU A 38 37.20 -33.34 -14.29
CA LEU A 38 38.57 -33.04 -14.70
C LEU A 38 39.02 -33.73 -16.00
N GLY A 39 40.08 -33.21 -16.60
CA GLY A 39 40.70 -33.84 -17.76
C GLY A 39 39.75 -34.09 -18.91
N ARG A 40 39.43 -35.36 -19.12
CA ARG A 40 38.52 -35.74 -20.20
C ARG A 40 37.07 -35.32 -19.92
N LEU A 41 36.72 -35.38 -18.64
CA LEU A 41 35.38 -35.16 -18.18
C LEU A 41 34.95 -33.69 -18.24
N ARG A 42 35.88 -32.77 -18.49
CA ARG A 42 35.50 -31.37 -18.52
C ARG A 42 34.48 -31.16 -19.62
N PHE A 43 33.45 -30.38 -19.31
CA PHE A 43 32.41 -30.05 -20.28
C PHE A 43 31.37 -31.15 -20.51
N LYS A 44 31.56 -32.33 -19.95
CA LYS A 44 30.62 -33.44 -20.17
C LYS A 44 29.58 -33.40 -19.04
N LYS A 45 28.49 -34.17 -19.18
CA LYS A 45 27.51 -34.30 -18.09
C LYS A 45 28.25 -34.91 -16.91
N PRO A 46 27.82 -34.65 -15.65
CA PRO A 46 28.52 -35.22 -14.51
C PRO A 46 28.38 -36.73 -14.48
N GLN A 47 29.48 -37.42 -14.29
CA GLN A 47 29.47 -38.87 -14.19
C GLN A 47 29.36 -39.28 -12.73
N SER A 48 28.69 -40.41 -12.50
CA SER A 48 28.39 -40.87 -11.14
C SER A 48 29.62 -41.42 -10.37
N LEU A 49 29.49 -41.56 -9.06
CA LEU A 49 30.58 -42.08 -8.25
C LEU A 49 30.48 -43.58 -8.16
N THR A 50 31.63 -44.20 -7.92
CA THR A 50 31.67 -45.62 -7.50
C THR A 50 31.93 -45.68 -6.00
N LYS A 51 31.52 -46.78 -5.39
CA LYS A 51 31.70 -47.05 -3.96
C LYS A 51 33.10 -46.67 -3.38
N TRP A 52 33.15 -46.20 -2.14
CA TRP A 52 34.43 -46.11 -1.42
C TRP A 52 34.39 -46.94 -0.12
N SER A 53 35.45 -47.70 0.13
CA SER A 53 35.50 -48.73 1.20
C SER A 53 35.51 -48.19 2.64
N ASP A 54 35.99 -46.95 2.80
CA ASP A 54 36.24 -46.35 4.11
C ASP A 54 35.17 -45.34 4.51
N ILE A 55 35.61 -44.28 5.19
CA ILE A 55 34.72 -43.24 5.67
C ILE A 55 35.14 -41.92 5.03
N TRP A 56 34.17 -41.16 4.51
CA TRP A 56 34.48 -39.82 4.03
C TRP A 56 34.32 -38.76 5.14
N ASN A 57 35.38 -37.99 5.40
CA ASN A 57 35.33 -36.93 6.41
C ASN A 57 34.57 -35.71 5.81
N ALA A 58 33.27 -35.62 6.06
CA ALA A 58 32.44 -34.53 5.49
C ALA A 58 32.25 -33.40 6.47
N THR A 59 33.36 -32.77 6.83
CA THR A 59 33.44 -31.90 8.02
C THR A 59 33.94 -30.49 7.70
N LYS A 60 34.11 -30.17 6.43
CA LYS A 60 34.41 -28.79 6.04
C LYS A 60 33.86 -28.56 4.66
N TYR A 61 33.52 -27.31 4.36
CA TYR A 61 33.07 -26.92 3.02
C TYR A 61 34.11 -27.32 1.97
N ALA A 62 33.67 -27.92 0.87
CA ALA A 62 34.59 -28.28 -0.21
C ALA A 62 34.94 -27.10 -1.12
N ASN A 63 35.60 -27.38 -2.23
CA ASN A 63 36.07 -26.33 -3.11
C ASN A 63 34.92 -25.72 -3.81
N SER A 64 34.85 -24.40 -3.81
CA SER A 64 34.03 -23.71 -4.75
C SER A 64 34.48 -24.01 -6.15
N CYS A 65 33.61 -23.68 -7.06
CA CYS A 65 33.77 -24.09 -8.41
C CYS A 65 34.46 -22.95 -9.17
N CYS A 66 35.17 -23.24 -10.28
CA CYS A 66 35.95 -22.19 -10.96
C CYS A 66 35.13 -21.09 -11.53
N GLN A 67 35.47 -19.85 -11.19
CA GLN A 67 34.71 -18.67 -11.56
C GLN A 67 35.58 -17.41 -11.39
N ASN A 68 35.21 -16.31 -12.05
CA ASN A 68 35.87 -15.03 -11.87
C ASN A 68 35.37 -14.37 -10.63
N ILE A 69 36.24 -13.63 -9.94
CA ILE A 69 35.87 -12.94 -8.73
C ILE A 69 35.54 -11.49 -9.03
N ASP A 70 34.67 -10.90 -8.22
CA ASP A 70 34.31 -9.47 -8.28
C ASP A 70 35.38 -8.59 -7.58
N GLN A 71 36.20 -7.89 -8.35
CA GLN A 71 37.18 -6.97 -7.73
C GLN A 71 36.88 -5.53 -7.86
N SER A 72 35.63 -5.14 -7.91
CA SER A 72 35.32 -3.74 -8.04
C SER A 72 35.51 -3.02 -6.72
N PHE A 73 35.19 -3.67 -5.60
CA PHE A 73 35.28 -2.99 -4.32
C PHE A 73 36.02 -3.84 -3.32
N PRO A 74 37.36 -3.75 -3.37
CA PRO A 74 38.20 -4.61 -2.58
C PRO A 74 38.11 -4.24 -1.09
N GLY A 75 37.91 -5.26 -0.26
CA GLY A 75 37.70 -5.06 1.16
C GLY A 75 36.26 -4.81 1.53
N PHE A 76 35.46 -4.33 0.59
CA PHE A 76 34.08 -3.96 0.85
C PHE A 76 33.18 -5.19 1.04
N HIS A 77 32.58 -5.32 2.22
CA HIS A 77 31.72 -6.46 2.55
C HIS A 77 30.57 -6.63 1.55
N GLY A 78 30.00 -5.52 1.09
CA GLY A 78 28.79 -5.53 0.30
C GLY A 78 28.94 -6.36 -0.96
N SER A 79 30.14 -6.37 -1.52
CA SER A 79 30.41 -7.15 -2.71
C SER A 79 31.14 -8.45 -2.41
N GLU A 80 31.91 -8.45 -1.33
CA GLU A 80 32.78 -9.55 -0.99
C GLU A 80 32.07 -10.74 -0.35
N MET A 81 30.97 -10.46 0.33
CA MET A 81 30.15 -11.52 0.93
C MET A 81 29.59 -12.46 -0.13
N TRP A 82 29.70 -12.07 -1.41
CA TRP A 82 29.19 -12.86 -2.52
C TRP A 82 30.25 -13.68 -3.25
N ASN A 83 31.51 -13.32 -3.04
CA ASN A 83 32.71 -14.01 -3.50
C ASN A 83 32.90 -15.33 -2.78
N PRO A 84 33.46 -16.34 -3.47
CA PRO A 84 33.62 -17.63 -2.81
C PRO A 84 34.57 -17.61 -1.63
N ASN A 85 34.42 -18.58 -0.76
CA ASN A 85 35.14 -18.55 0.48
C ASN A 85 35.82 -19.87 0.76
N THR A 86 36.07 -20.62 -0.30
CA THR A 86 36.98 -21.75 -0.25
C THR A 86 37.77 -21.73 -1.55
N ASP A 87 38.85 -22.51 -1.65
CA ASP A 87 39.60 -22.58 -2.92
C ASP A 87 38.75 -22.98 -4.10
N LEU A 88 38.91 -22.26 -5.20
CA LEU A 88 38.39 -22.61 -6.52
C LEU A 88 39.11 -23.84 -7.07
N SER A 89 38.37 -24.77 -7.65
CA SER A 89 38.93 -25.97 -8.25
C SER A 89 37.90 -26.50 -9.22
N GLU A 90 38.33 -27.07 -10.33
CA GLU A 90 37.43 -27.89 -11.15
C GLU A 90 36.93 -29.08 -10.35
N ASP A 91 37.71 -29.54 -9.36
CA ASP A 91 37.23 -30.60 -8.49
C ASP A 91 36.30 -29.97 -7.47
N CYS A 92 35.03 -29.89 -7.84
CA CYS A 92 34.11 -28.91 -7.26
C CYS A 92 32.69 -29.49 -6.89
N LEU A 93 32.29 -30.59 -7.53
CA LEU A 93 30.96 -31.17 -7.36
C LEU A 93 30.73 -31.87 -6.01
N TYR A 94 30.39 -31.04 -5.03
CA TYR A 94 30.17 -31.47 -3.65
C TYR A 94 28.88 -30.82 -3.10
N LEU A 95 28.30 -31.43 -2.05
CA LEU A 95 27.07 -30.95 -1.45
C LEU A 95 27.12 -30.97 0.06
N ASN A 96 26.34 -30.11 0.70
CA ASN A 96 26.27 -30.08 2.12
C ASN A 96 24.88 -30.50 2.59
N VAL A 97 24.75 -30.83 3.87
CA VAL A 97 23.51 -31.32 4.43
C VAL A 97 23.50 -30.92 5.88
N TRP A 98 22.38 -30.34 6.35
CA TRP A 98 22.23 -30.08 7.77
C TRP A 98 21.02 -30.83 8.25
N ILE A 99 21.15 -31.46 9.41
CA ILE A 99 20.10 -32.30 9.99
C ILE A 99 19.71 -31.76 11.36
N PRO A 100 18.41 -31.69 11.66
CA PRO A 100 18.02 -31.25 12.99
C PRO A 100 18.40 -32.23 14.10
N ALA A 101 18.24 -31.72 15.32
CA ALA A 101 18.90 -32.24 16.51
C ALA A 101 18.69 -33.59 16.96
N PRO A 102 17.50 -34.13 17.29
CA PRO A 102 17.90 -35.56 17.14
C PRO A 102 17.43 -36.02 15.78
N LYS A 103 18.22 -36.84 15.10
CA LYS A 103 17.80 -37.31 13.79
C LYS A 103 16.26 -37.40 13.70
N PRO A 104 15.66 -36.74 12.70
CA PRO A 104 14.26 -37.01 12.55
C PRO A 104 14.08 -38.29 11.82
N LYS A 105 12.81 -38.52 11.56
CA LYS A 105 12.26 -39.77 11.22
C LYS A 105 11.89 -39.75 9.68
N ASN A 106 10.97 -38.87 9.22
CA ASN A 106 10.96 -38.39 7.79
C ASN A 106 10.70 -36.84 7.63
N ALA A 107 11.78 -36.10 7.91
CA ALA A 107 11.79 -34.65 7.86
C ALA A 107 11.70 -34.17 6.42
N THR A 108 11.01 -33.04 6.22
CA THR A 108 10.94 -32.33 4.96
C THR A 108 12.28 -31.68 4.61
N VAL A 109 12.62 -31.70 3.32
CA VAL A 109 13.93 -31.27 2.82
C VAL A 109 13.85 -29.98 2.02
N LEU A 110 14.64 -28.97 2.39
CA LEU A 110 14.87 -27.82 1.52
C LEU A 110 16.20 -27.93 0.79
N ILE A 111 16.18 -27.89 -0.53
CA ILE A 111 17.40 -27.92 -1.30
C ILE A 111 17.62 -26.56 -1.93
N TRP A 112 18.72 -25.91 -1.55
CA TRP A 112 19.08 -24.57 -2.02
C TRP A 112 19.91 -24.59 -3.31
N ILE A 113 19.57 -23.71 -4.24
CA ILE A 113 20.35 -23.56 -5.46
C ILE A 113 20.75 -22.10 -5.57
N TYR A 114 22.04 -21.81 -5.49
CA TYR A 114 22.52 -20.43 -5.39
C TYR A 114 22.41 -19.67 -6.68
N GLY A 115 22.31 -18.35 -6.59
CA GLY A 115 22.25 -17.49 -7.75
C GLY A 115 23.63 -16.98 -8.09
N GLY A 116 23.71 -15.86 -8.81
CA GLY A 116 25.00 -15.38 -9.29
C GLY A 116 25.11 -15.28 -10.81
N GLY A 117 23.96 -15.07 -11.50
CA GLY A 117 24.00 -14.97 -12.97
C GLY A 117 24.68 -16.12 -13.73
N PHE A 118 24.82 -17.29 -13.10
CA PHE A 118 25.37 -18.52 -13.75
C PHE A 118 26.85 -18.44 -14.07
N GLN A 119 27.47 -17.31 -13.78
CA GLN A 119 28.88 -17.17 -13.97
C GLN A 119 29.65 -17.40 -12.65
N THR A 120 28.99 -17.26 -11.50
CA THR A 120 29.69 -17.24 -10.19
C THR A 120 28.90 -17.92 -9.08
N GLY A 121 29.41 -17.90 -7.84
CA GLY A 121 28.64 -18.38 -6.70
C GLY A 121 29.00 -19.74 -6.15
N THR A 122 28.77 -19.94 -4.86
CA THR A 122 29.13 -21.18 -4.22
C THR A 122 28.07 -21.47 -3.16
N SER A 123 28.06 -22.70 -2.66
CA SER A 123 27.11 -23.09 -1.65
C SER A 123 27.54 -22.79 -0.23
N SER A 124 28.77 -22.35 -0.06
CA SER A 124 29.36 -22.23 1.26
C SER A 124 29.42 -20.81 1.78
N LEU A 125 28.73 -19.87 1.13
CA LEU A 125 28.60 -18.50 1.67
C LEU A 125 27.92 -18.53 3.04
N HIS A 126 28.30 -17.59 3.89
CA HIS A 126 27.74 -17.43 5.22
C HIS A 126 26.22 -17.32 5.17
N VAL A 127 25.68 -16.54 4.22
CA VAL A 127 24.22 -16.33 4.10
C VAL A 127 23.40 -17.51 3.56
N TYR A 128 24.06 -18.60 3.17
CA TYR A 128 23.39 -19.83 2.75
C TYR A 128 23.49 -20.93 3.80
N ASP A 129 24.01 -20.58 4.98
CA ASP A 129 24.19 -21.52 6.12
C ASP A 129 22.82 -22.04 6.61
N GLY A 130 22.53 -23.30 6.29
CA GLY A 130 21.24 -23.85 6.64
C GLY A 130 21.12 -24.43 8.04
N LYS A 131 22.02 -24.06 8.96
CA LYS A 131 21.97 -24.62 10.29
C LYS A 131 20.76 -24.09 11.01
N PHE A 132 20.52 -22.79 10.89
CA PHE A 132 19.36 -22.18 11.54
C PHE A 132 18.03 -22.76 11.09
N LEU A 133 17.86 -23.03 9.79
CA LEU A 133 16.61 -23.66 9.32
C LEU A 133 16.37 -25.06 9.88
N ALA A 134 17.42 -25.86 9.99
CA ALA A 134 17.27 -27.19 10.57
C ALA A 134 16.94 -27.13 12.08
N ARG A 135 17.68 -26.30 12.81
CA ARG A 135 17.42 -26.06 14.23
C ARG A 135 16.03 -25.52 14.47
N VAL A 136 15.71 -24.38 13.85
CA VAL A 136 14.45 -23.69 14.15
C VAL A 136 13.17 -24.31 13.59
N GLU A 137 13.20 -24.98 12.44
CA GLU A 137 11.97 -25.52 11.85
C GLU A 137 12.00 -27.05 11.70
N ARG A 138 13.15 -27.64 12.04
CA ARG A 138 13.32 -29.09 12.02
C ARG A 138 13.14 -29.58 10.63
N VAL A 139 13.92 -28.99 9.72
CA VAL A 139 13.92 -29.44 8.34
C VAL A 139 15.34 -29.90 8.04
N ILE A 140 15.48 -30.75 7.06
CA ILE A 140 16.82 -31.01 6.55
C ILE A 140 17.06 -29.93 5.47
N VAL A 141 18.18 -29.25 5.55
CA VAL A 141 18.61 -28.41 4.45
C VAL A 141 19.76 -29.02 3.68
N VAL A 142 19.63 -29.09 2.36
CA VAL A 142 20.74 -29.48 1.47
C VAL A 142 21.13 -28.31 0.56
N SER A 143 22.40 -28.09 0.30
CA SER A 143 22.83 -27.26 -0.83
C SER A 143 23.93 -27.98 -1.60
N MET A 144 24.07 -27.68 -2.88
CA MET A 144 25.12 -28.24 -3.69
C MET A 144 25.86 -27.17 -4.48
N ASN A 145 27.04 -27.54 -4.98
CA ASN A 145 27.83 -26.69 -5.88
C ASN A 145 27.63 -27.20 -7.29
N TYR A 146 27.51 -26.30 -8.23
CA TYR A 146 27.36 -26.69 -9.64
C TYR A 146 28.28 -25.83 -10.49
N ARG A 147 28.73 -26.37 -11.62
CA ARG A 147 29.63 -25.65 -12.49
C ARG A 147 28.99 -24.38 -13.02
N VAL A 148 29.76 -23.33 -13.23
CA VAL A 148 29.23 -22.05 -13.72
C VAL A 148 30.11 -21.49 -14.84
N GLY A 149 29.62 -20.47 -15.52
CA GLY A 149 30.27 -19.98 -16.73
C GLY A 149 30.58 -21.12 -17.69
N ALA A 150 31.60 -20.95 -18.51
CA ALA A 150 31.84 -21.88 -19.60
C ALA A 150 31.95 -23.29 -19.11
N LEU A 151 32.60 -23.50 -17.98
CA LEU A 151 32.84 -24.86 -17.50
C LEU A 151 31.55 -25.58 -17.18
N GLY A 152 30.49 -24.77 -17.00
CA GLY A 152 29.17 -25.25 -16.67
C GLY A 152 28.16 -25.14 -17.79
N PHE A 153 28.39 -24.26 -18.75
CA PHE A 153 27.36 -24.02 -19.77
C PHE A 153 27.81 -23.86 -21.23
N LEU A 154 29.08 -24.15 -21.52
CA LEU A 154 29.58 -24.07 -22.88
C LEU A 154 28.77 -25.04 -23.68
N ALA A 155 28.36 -24.62 -24.86
CA ALA A 155 27.49 -25.42 -25.67
C ALA A 155 27.92 -25.49 -27.12
N LEU A 156 28.08 -26.71 -27.61
CA LEU A 156 28.06 -26.95 -29.03
C LEU A 156 26.86 -27.82 -29.27
N PRO A 157 25.80 -27.20 -29.79
CA PRO A 157 24.47 -27.81 -29.85
C PRO A 157 24.49 -29.28 -30.33
N GLY A 158 24.23 -30.21 -29.41
CA GLY A 158 24.12 -31.61 -29.77
C GLY A 158 25.40 -32.41 -29.57
N ASN A 159 26.55 -31.77 -29.70
CA ASN A 159 27.82 -32.47 -29.52
C ASN A 159 28.02 -32.97 -28.08
N PRO A 160 28.03 -34.31 -27.87
CA PRO A 160 28.11 -34.90 -26.50
C PRO A 160 29.37 -34.52 -25.72
N GLU A 161 30.26 -33.78 -26.40
CA GLU A 161 31.49 -33.34 -25.76
C GLU A 161 31.31 -32.00 -25.06
N ALA A 162 30.38 -31.20 -25.57
CA ALA A 162 29.92 -30.00 -24.87
C ALA A 162 28.45 -29.71 -25.22
N PRO A 163 27.51 -30.46 -24.59
CA PRO A 163 26.09 -30.38 -24.91
C PRO A 163 25.35 -29.14 -24.33
N GLY A 164 25.93 -28.46 -23.36
CA GLY A 164 25.23 -27.37 -22.71
C GLY A 164 24.57 -27.83 -21.43
N ASN A 165 24.15 -26.86 -20.61
CA ASN A 165 23.42 -27.18 -19.38
C ASN A 165 24.06 -28.17 -18.41
N MET A 166 25.39 -28.18 -18.33
CA MET A 166 26.09 -29.15 -17.47
C MET A 166 25.91 -28.82 -16.01
N GLY A 167 25.94 -27.51 -15.71
CA GLY A 167 25.66 -26.97 -14.36
C GLY A 167 24.29 -27.39 -13.92
N LEU A 168 23.33 -27.33 -14.85
CA LEU A 168 21.96 -27.82 -14.61
C LEU A 168 21.90 -29.33 -14.40
N PHE A 169 22.72 -30.12 -15.10
CA PHE A 169 22.79 -31.55 -14.77
C PHE A 169 23.43 -31.81 -13.40
N ASP A 170 24.41 -30.97 -13.06
CA ASP A 170 25.05 -31.04 -11.77
C ASP A 170 23.97 -30.96 -10.69
N GLN A 171 23.10 -29.97 -10.81
CA GLN A 171 22.01 -29.75 -9.82
C GLN A 171 21.15 -30.97 -9.76
N GLN A 172 20.72 -31.43 -10.95
CA GLN A 172 19.92 -32.61 -11.11
C GLN A 172 20.57 -33.82 -10.52
N LEU A 173 21.87 -34.03 -10.73
CA LEU A 173 22.48 -35.17 -10.08
C LEU A 173 22.52 -35.09 -8.52
N ALA A 174 22.56 -33.89 -7.97
CA ALA A 174 22.47 -33.75 -6.53
C ALA A 174 21.02 -33.95 -6.06
N LEU A 175 20.06 -33.68 -6.92
CA LEU A 175 18.66 -34.02 -6.63
C LEU A 175 18.46 -35.55 -6.61
N GLN A 176 19.00 -36.25 -7.61
CA GLN A 176 19.07 -37.71 -7.58
C GLN A 176 19.76 -38.26 -6.33
N TRP A 177 20.81 -37.57 -5.87
CA TRP A 177 21.50 -38.02 -4.69
C TRP A 177 20.54 -38.08 -3.52
N VAL A 178 19.85 -36.97 -3.28
CA VAL A 178 18.92 -36.81 -2.18
C VAL A 178 17.80 -37.84 -2.22
N GLN A 179 17.25 -38.15 -3.41
CA GLN A 179 16.21 -39.18 -3.55
C GLN A 179 16.69 -40.52 -3.05
N LYS A 180 17.95 -40.84 -3.38
CA LYS A 180 18.60 -42.07 -2.99
C LYS A 180 19.00 -42.05 -1.53
N ASN A 181 19.46 -40.92 -1.01
CA ASN A 181 20.18 -41.01 0.24
C ASN A 181 19.53 -40.38 1.41
N ILE A 182 18.67 -39.40 1.17
CA ILE A 182 18.18 -38.60 2.29
C ILE A 182 17.45 -39.42 3.35
N ALA A 183 16.86 -40.52 2.91
CA ALA A 183 16.19 -41.48 3.78
C ALA A 183 17.16 -41.85 4.92
N ALA A 184 18.39 -42.22 4.57
CA ALA A 184 19.44 -42.55 5.57
C ALA A 184 19.70 -41.46 6.63
N PHE A 185 19.41 -40.21 6.28
CA PHE A 185 19.65 -39.03 7.13
C PHE A 185 18.39 -38.65 7.88
N GLY A 186 17.27 -39.31 7.57
CA GLY A 186 16.01 -39.05 8.27
C GLY A 186 15.18 -38.00 7.55
N GLY A 187 15.29 -38.01 6.23
CA GLY A 187 14.58 -37.07 5.41
C GLY A 187 13.63 -37.79 4.50
N ASN A 188 12.55 -37.09 4.17
CA ASN A 188 11.45 -37.62 3.39
C ASN A 188 11.72 -37.37 1.92
N PRO A 189 12.10 -38.40 1.17
CA PRO A 189 12.36 -38.13 -0.25
C PRO A 189 11.12 -37.64 -0.99
N LYS A 190 9.94 -37.78 -0.40
CA LYS A 190 8.70 -37.42 -1.05
C LYS A 190 8.31 -36.01 -0.69
N SER A 191 9.04 -35.40 0.24
CA SER A 191 8.75 -34.07 0.66
C SER A 191 10.00 -33.15 0.51
N VAL A 192 10.29 -32.81 -0.75
CA VAL A 192 11.49 -32.06 -1.13
C VAL A 192 11.10 -30.74 -1.81
N THR A 193 11.60 -29.62 -1.28
CA THR A 193 11.28 -28.32 -1.89
C THR A 193 12.53 -27.61 -2.45
N LEU A 194 12.48 -27.21 -3.71
CA LEU A 194 13.59 -26.49 -4.28
C LEU A 194 13.44 -25.00 -3.96
N PHE A 195 14.48 -24.39 -3.41
CA PHE A 195 14.49 -22.94 -3.35
C PHE A 195 15.81 -22.42 -3.85
N GLY A 196 15.77 -21.31 -4.57
CA GLY A 196 16.93 -20.74 -5.21
C GLY A 196 16.69 -19.24 -5.34
N GLU A 197 17.78 -18.49 -5.55
CA GLU A 197 17.65 -17.07 -5.84
C GLU A 197 18.32 -16.65 -7.13
N SER A 198 17.90 -15.51 -7.65
CA SER A 198 18.38 -15.02 -8.94
C SER A 198 18.56 -16.15 -9.98
N ALA A 199 19.78 -16.60 -10.24
CA ALA A 199 19.94 -17.67 -11.21
C ALA A 199 19.63 -19.03 -10.61
N GLY A 200 19.57 -19.14 -9.29
CA GLY A 200 19.11 -20.37 -8.69
C GLY A 200 17.59 -20.43 -8.75
N ALA A 201 16.93 -19.28 -8.74
CA ALA A 201 15.52 -19.26 -8.99
C ALA A 201 15.26 -19.70 -10.45
N ALA A 202 15.98 -19.10 -11.41
CA ALA A 202 15.82 -19.47 -12.81
C ALA A 202 16.04 -20.97 -12.92
N SER A 203 17.07 -21.46 -12.22
CA SER A 203 17.38 -22.88 -12.23
C SER A 203 16.19 -23.70 -11.76
N VAL A 204 15.59 -23.26 -10.67
CA VAL A 204 14.45 -23.95 -10.08
C VAL A 204 13.29 -24.01 -11.10
N SER A 205 12.99 -22.88 -11.75
CA SER A 205 11.96 -22.86 -12.76
C SER A 205 12.30 -23.83 -13.89
N LEU A 206 13.59 -24.00 -14.21
CA LEU A 206 13.93 -24.98 -15.23
C LEU A 206 13.65 -26.42 -14.83
N HIS A 207 13.84 -26.77 -13.57
CA HIS A 207 13.57 -28.12 -13.11
C HIS A 207 12.08 -28.40 -13.19
N LEU A 208 11.27 -27.36 -12.99
CA LEU A 208 9.82 -27.44 -13.19
C LEU A 208 9.45 -27.86 -14.60
N LEU A 209 10.30 -27.53 -15.56
CA LEU A 209 10.10 -27.86 -16.97
C LEU A 209 10.86 -29.11 -17.40
N SER A 210 11.82 -29.53 -16.62
CA SER A 210 12.73 -30.58 -17.06
C SER A 210 12.21 -31.95 -16.73
N PRO A 211 11.86 -32.72 -17.77
CA PRO A 211 11.33 -34.08 -17.51
C PRO A 211 12.24 -34.95 -16.63
N GLY A 212 13.53 -34.91 -16.87
CA GLY A 212 14.42 -35.63 -15.98
C GLY A 212 14.34 -35.23 -14.51
N SER A 213 13.95 -34.00 -14.22
CA SER A 213 13.93 -33.54 -12.84
C SER A 213 12.60 -33.80 -12.15
N HIS A 214 11.57 -34.01 -12.97
CA HIS A 214 10.15 -34.14 -12.59
C HIS A 214 9.80 -34.85 -11.27
N SER A 215 10.47 -35.94 -10.96
CA SER A 215 10.13 -36.65 -9.74
C SER A 215 11.21 -36.53 -8.69
N LEU A 216 12.08 -35.54 -8.82
CA LEU A 216 13.22 -35.40 -7.90
C LEU A 216 12.97 -34.38 -6.79
N PHE A 217 11.80 -33.72 -6.86
CA PHE A 217 11.34 -32.79 -5.83
C PHE A 217 9.80 -32.68 -5.84
N THR A 218 9.27 -31.89 -4.92
CA THR A 218 7.81 -31.77 -4.73
C THR A 218 7.26 -30.37 -5.02
N ARG A 219 7.86 -29.34 -4.43
CA ARG A 219 7.47 -27.97 -4.64
C ARG A 219 8.70 -27.13 -4.94
N ALA A 220 8.44 -25.89 -5.36
CA ALA A 220 9.48 -25.02 -5.76
C ALA A 220 9.19 -23.62 -5.18
N ILE A 221 10.25 -22.98 -4.65
CA ILE A 221 10.25 -21.56 -4.22
C ILE A 221 11.21 -20.78 -5.09
N LEU A 222 10.82 -19.59 -5.56
CA LEU A 222 11.60 -18.86 -6.58
C LEU A 222 11.85 -17.42 -6.13
N GLN A 223 13.08 -17.07 -5.72
CA GLN A 223 13.32 -15.75 -5.22
C GLN A 223 14.12 -14.89 -6.19
N SER A 224 13.54 -13.75 -6.56
CA SER A 224 14.08 -12.82 -7.56
C SER A 224 14.67 -13.46 -8.82
N GLY A 225 13.95 -14.37 -9.49
CA GLY A 225 14.34 -14.88 -10.81
C GLY A 225 13.45 -15.95 -11.39
N SER A 226 13.54 -16.15 -12.69
CA SER A 226 12.72 -17.15 -13.40
C SER A 226 13.23 -17.30 -14.85
N PHE A 227 13.06 -18.47 -15.45
CA PHE A 227 13.66 -18.70 -16.77
C PHE A 227 13.26 -17.74 -17.88
N ASN A 228 12.09 -17.13 -17.76
CA ASN A 228 11.61 -16.27 -18.81
C ASN A 228 12.16 -14.86 -18.73
N ALA A 229 13.14 -14.62 -17.86
CA ALA A 229 13.78 -13.29 -17.70
C ALA A 229 14.72 -13.06 -18.88
N PRO A 230 14.92 -11.79 -19.30
CA PRO A 230 15.73 -11.50 -20.50
C PRO A 230 17.09 -12.16 -20.38
N TRP A 231 17.63 -12.21 -19.17
CA TRP A 231 18.99 -12.71 -18.98
C TRP A 231 19.17 -14.24 -18.95
N ALA A 232 18.10 -15.02 -18.86
CA ALA A 232 18.25 -16.40 -18.32
C ALA A 232 18.53 -17.53 -19.27
N VAL A 233 18.04 -17.40 -20.50
CA VAL A 233 18.20 -18.48 -21.46
C VAL A 233 18.85 -17.90 -22.69
N THR A 234 19.85 -18.64 -23.17
CA THR A 234 20.68 -18.28 -24.29
C THR A 234 20.17 -19.08 -25.48
N SER A 235 20.04 -18.41 -26.62
CA SER A 235 19.53 -19.11 -27.82
C SER A 235 20.56 -20.04 -28.50
N LEU A 236 20.06 -21.16 -29.05
CA LEU A 236 20.90 -22.13 -29.78
C LEU A 236 21.95 -21.52 -30.72
N TYR A 237 21.59 -20.44 -31.40
CA TYR A 237 22.53 -19.66 -32.18
C TYR A 237 23.64 -18.98 -31.32
N GLU A 238 23.26 -18.07 -30.42
CA GLU A 238 24.23 -17.36 -29.54
C GLU A 238 25.21 -18.25 -28.74
N ALA A 239 24.75 -19.42 -28.31
CA ALA A 239 25.56 -20.35 -27.54
C ALA A 239 26.67 -20.91 -28.38
N ARG A 240 26.30 -21.25 -29.62
CA ARG A 240 27.21 -21.73 -30.63
C ARG A 240 28.18 -20.62 -31.03
N ASN A 241 27.66 -19.45 -31.41
CA ASN A 241 28.52 -18.29 -31.70
C ASN A 241 29.52 -18.01 -30.55
N ARG A 242 29.05 -18.10 -29.31
CA ARG A 242 29.88 -17.75 -28.14
C ARG A 242 30.92 -18.81 -27.87
N THR A 243 30.60 -20.05 -28.17
CA THR A 243 31.58 -21.11 -28.09
C THR A 243 32.70 -20.84 -29.10
N LEU A 244 32.32 -20.50 -30.32
CA LEU A 244 33.30 -20.16 -31.37
C LEU A 244 34.19 -19.01 -30.97
N ASN A 245 33.60 -17.88 -30.59
CA ASN A 245 34.42 -16.74 -30.19
C ASN A 245 35.41 -17.07 -29.07
N LEU A 246 35.06 -18.04 -28.24
CA LEU A 246 35.96 -18.50 -27.18
C LEU A 246 37.15 -19.22 -27.78
N ALA A 247 36.86 -20.23 -28.60
CA ALA A 247 37.90 -20.92 -29.36
C ALA A 247 38.84 -19.91 -30.00
N LYS A 248 38.28 -18.96 -30.74
CA LYS A 248 39.08 -17.93 -31.38
C LYS A 248 39.98 -17.26 -30.35
N LEU A 249 39.38 -16.80 -29.25
CA LEU A 249 40.13 -16.03 -28.24
C LEU A 249 41.23 -16.84 -27.56
N THR A 250 41.20 -18.16 -27.72
CA THR A 250 42.17 -19.03 -27.06
C THR A 250 42.95 -19.84 -28.08
N GLY A 251 42.96 -19.39 -29.34
CA GLY A 251 43.68 -20.06 -30.44
C GLY A 251 43.27 -21.52 -30.47
N CYS A 252 41.98 -21.73 -30.61
CA CYS A 252 41.43 -23.04 -30.53
C CYS A 252 40.48 -23.34 -31.70
N SER A 253 40.34 -22.41 -32.65
CA SER A 253 39.47 -22.64 -33.82
C SER A 253 40.02 -23.77 -34.66
N ARG A 254 39.12 -24.64 -35.10
CA ARG A 254 39.51 -25.80 -35.89
C ARG A 254 38.60 -26.00 -37.12
N GLU A 255 38.51 -27.25 -37.57
CA GLU A 255 37.59 -27.61 -38.62
C GLU A 255 36.71 -28.67 -37.98
N ASN A 256 37.25 -29.88 -37.76
CA ASN A 256 36.55 -30.92 -36.98
C ASN A 256 36.12 -30.24 -35.69
N GLU A 257 34.81 -30.19 -35.49
CA GLU A 257 34.23 -29.54 -34.33
C GLU A 257 34.75 -30.22 -33.06
N THR A 258 34.73 -31.55 -33.02
CA THR A 258 35.21 -32.31 -31.86
C THR A 258 36.67 -31.97 -31.48
N GLU A 259 37.43 -31.46 -32.44
CA GLU A 259 38.81 -31.06 -32.15
C GLU A 259 38.89 -29.73 -31.35
N ILE A 260 37.92 -28.83 -31.57
CA ILE A 260 37.77 -27.60 -30.78
C ILE A 260 37.67 -27.90 -29.28
N ILE A 261 36.82 -28.85 -28.93
CA ILE A 261 36.67 -29.22 -27.53
C ILE A 261 37.95 -29.84 -26.99
N LYS A 262 38.57 -30.67 -27.82
CA LYS A 262 39.85 -31.26 -27.49
C LYS A 262 40.90 -30.22 -27.11
N CYS A 263 41.03 -29.14 -27.88
CA CYS A 263 41.98 -28.12 -27.43
C CYS A 263 41.46 -27.28 -26.26
N LEU A 264 40.17 -26.98 -26.25
CA LEU A 264 39.59 -26.29 -25.10
C LEU A 264 39.76 -27.10 -23.82
N ARG A 265 39.64 -28.43 -23.95
CA ARG A 265 39.77 -29.32 -22.79
C ARG A 265 41.18 -29.41 -22.23
N ASN A 266 42.09 -28.79 -22.95
CA ASN A 266 43.50 -28.79 -22.59
C ASN A 266 44.02 -27.45 -22.10
N LYS A 267 43.28 -26.38 -22.38
CA LYS A 267 43.65 -25.08 -21.92
C LYS A 267 43.60 -25.02 -20.39
N ASP A 268 44.33 -24.05 -19.84
CA ASP A 268 44.33 -23.78 -18.42
C ASP A 268 42.97 -23.22 -18.02
N PRO A 269 42.44 -23.67 -16.87
CA PRO A 269 41.19 -23.13 -16.33
C PRO A 269 41.14 -21.59 -16.33
N GLN A 270 42.25 -20.98 -15.96
CA GLN A 270 42.32 -19.54 -15.81
C GLN A 270 42.30 -18.90 -17.18
N GLU A 271 42.84 -19.61 -18.17
CA GLU A 271 42.86 -19.11 -19.53
C GLU A 271 41.45 -18.93 -20.05
N ILE A 272 40.64 -19.97 -19.83
CA ILE A 272 39.22 -19.96 -20.16
C ILE A 272 38.49 -18.81 -19.46
N LEU A 273 38.64 -18.74 -18.13
CA LEU A 273 38.01 -17.72 -17.28
C LEU A 273 38.27 -16.29 -17.68
N LEU A 274 39.46 -16.06 -18.25
CA LEU A 274 39.90 -14.73 -18.66
C LEU A 274 39.24 -14.26 -19.95
N ASN A 275 38.93 -15.17 -20.86
CA ASN A 275 38.36 -14.79 -22.15
C ASN A 275 36.83 -14.82 -22.22
N GLU A 276 36.24 -15.55 -21.25
CA GLU A 276 34.80 -15.54 -21.00
C GLU A 276 34.23 -14.14 -21.16
N ALA A 277 34.68 -13.17 -20.36
CA ALA A 277 34.03 -11.83 -20.38
C ALA A 277 33.99 -11.18 -21.75
N PHE A 278 34.80 -11.72 -22.67
CA PHE A 278 35.02 -11.15 -24.00
C PHE A 278 34.37 -11.88 -25.17
N VAL A 279 33.44 -12.83 -24.93
CA VAL A 279 32.82 -13.57 -26.05
C VAL A 279 31.55 -12.94 -26.58
N VAL A 280 30.88 -12.14 -25.75
CA VAL A 280 29.73 -11.36 -26.17
C VAL A 280 30.29 -10.02 -26.66
N PRO A 281 29.74 -9.51 -27.79
CA PRO A 281 30.14 -8.21 -28.39
C PRO A 281 30.02 -6.97 -27.45
N TYR A 282 28.81 -6.71 -26.92
CA TYR A 282 28.57 -5.54 -26.04
C TYR A 282 28.33 -5.88 -24.58
N GLY A 283 29.14 -5.32 -23.69
CA GLY A 283 28.94 -5.60 -22.28
C GLY A 283 27.57 -5.13 -21.79
N THR A 284 26.99 -5.86 -20.86
CA THR A 284 25.97 -5.31 -20.00
C THR A 284 26.27 -5.86 -18.62
N PRO A 285 26.01 -5.08 -17.55
CA PRO A 285 26.21 -5.58 -16.22
C PRO A 285 25.38 -6.79 -15.89
N LEU A 286 24.37 -7.10 -16.71
CA LEU A 286 23.50 -8.26 -16.53
C LEU A 286 23.86 -9.35 -17.54
N SER A 287 25.11 -9.35 -17.98
CA SER A 287 25.53 -10.28 -19.00
C SER A 287 25.61 -11.66 -18.44
N VAL A 288 24.99 -12.61 -19.12
CA VAL A 288 25.13 -14.01 -18.81
C VAL A 288 25.85 -14.64 -19.96
N ASN A 289 27.17 -14.67 -19.87
CA ASN A 289 27.97 -15.07 -21.00
C ASN A 289 27.80 -16.52 -21.42
N PHE A 290 27.83 -17.43 -20.46
CA PHE A 290 27.47 -18.81 -20.69
C PHE A 290 26.36 -19.28 -19.76
N GLY A 291 25.15 -19.30 -20.28
CA GLY A 291 24.05 -19.84 -19.54
C GLY A 291 23.40 -21.08 -20.12
N PRO A 292 22.24 -21.42 -19.58
CA PRO A 292 21.31 -22.45 -20.04
C PRO A 292 20.93 -22.24 -21.49
N THR A 293 20.78 -23.34 -22.21
CA THR A 293 20.38 -23.32 -23.59
C THR A 293 19.36 -24.42 -23.77
N VAL A 294 18.70 -24.42 -24.93
CA VAL A 294 17.84 -25.55 -25.26
C VAL A 294 18.68 -26.75 -25.75
N ASP A 295 18.94 -27.73 -24.89
CA ASP A 295 19.85 -28.77 -25.32
C ASP A 295 19.22 -30.04 -25.92
N GLY A 296 17.89 -30.15 -25.86
CA GLY A 296 17.26 -31.40 -26.25
C GLY A 296 17.31 -32.44 -25.15
N ASP A 297 18.23 -32.32 -24.18
CA ASP A 297 18.31 -33.29 -23.10
C ASP A 297 17.65 -32.76 -21.83
N PHE A 298 18.27 -31.84 -21.10
CA PHE A 298 17.65 -31.26 -19.90
C PHE A 298 16.39 -30.48 -20.27
N LEU A 299 16.47 -29.64 -21.27
CA LEU A 299 15.32 -28.97 -21.86
C LEU A 299 14.98 -29.54 -23.24
N THR A 300 13.84 -30.19 -23.35
CA THR A 300 13.41 -30.81 -24.60
C THR A 300 12.83 -29.80 -25.61
N ASP A 301 12.59 -28.55 -25.24
CA ASP A 301 12.01 -27.60 -26.19
C ASP A 301 12.18 -26.19 -25.72
N MET A 302 11.96 -25.18 -26.56
CA MET A 302 11.98 -23.79 -26.08
C MET A 302 11.11 -23.58 -24.85
N PRO A 303 11.69 -23.12 -23.72
CA PRO A 303 10.91 -23.02 -22.51
C PRO A 303 9.63 -22.17 -22.64
N ASP A 304 9.62 -21.16 -23.49
CA ASP A 304 8.42 -20.36 -23.70
C ASP A 304 7.17 -21.15 -24.14
N ILE A 305 7.38 -22.04 -25.10
CA ILE A 305 6.36 -22.96 -25.56
C ILE A 305 5.95 -23.89 -24.42
N LEU A 306 6.93 -24.50 -23.76
CA LEU A 306 6.59 -25.44 -22.72
C LEU A 306 5.71 -24.83 -21.65
N LEU A 307 6.02 -23.59 -21.27
CA LEU A 307 5.30 -22.88 -20.23
C LEU A 307 3.92 -22.57 -20.73
N GLU A 308 3.86 -22.04 -21.96
CA GLU A 308 2.61 -21.62 -22.57
C GLU A 308 1.64 -22.78 -22.77
N LEU A 309 2.14 -24.01 -22.86
CA LEU A 309 1.27 -25.12 -23.15
C LEU A 309 1.07 -26.02 -21.95
N GLY A 310 1.42 -25.47 -20.79
CA GLY A 310 1.25 -26.14 -19.52
C GLY A 310 1.99 -27.45 -19.36
N GLN A 311 3.12 -27.59 -20.05
CA GLN A 311 3.95 -28.78 -19.96
C GLN A 311 4.96 -28.57 -18.88
N PHE A 312 4.57 -28.75 -17.64
CA PHE A 312 5.51 -28.61 -16.55
C PHE A 312 5.01 -29.37 -15.34
N LYS A 313 5.86 -29.50 -14.34
CA LYS A 313 5.41 -30.11 -13.09
C LYS A 313 4.27 -29.32 -12.46
N LYS A 314 3.16 -30.00 -12.27
CA LYS A 314 2.03 -29.35 -11.64
C LYS A 314 2.22 -29.46 -10.13
N THR A 315 2.35 -28.31 -9.48
CA THR A 315 2.57 -28.27 -8.04
C THR A 315 2.40 -26.84 -7.51
N GLN A 316 2.50 -26.64 -6.22
CA GLN A 316 2.41 -25.29 -5.68
C GLN A 316 3.75 -24.62 -5.89
N ILE A 317 3.77 -23.30 -5.85
CA ILE A 317 5.01 -22.56 -6.01
C ILE A 317 4.91 -21.26 -5.27
N LEU A 318 6.03 -20.77 -4.79
CA LEU A 318 6.10 -19.52 -4.07
C LEU A 318 7.10 -18.68 -4.85
N VAL A 319 6.71 -17.49 -5.24
CA VAL A 319 7.53 -16.62 -6.09
C VAL A 319 7.49 -15.20 -5.55
N GLY A 320 8.59 -14.47 -5.68
CA GLY A 320 8.65 -13.11 -5.14
C GLY A 320 9.85 -12.32 -5.60
N VAL A 321 9.84 -11.02 -5.35
CA VAL A 321 10.91 -10.15 -5.74
C VAL A 321 11.14 -9.09 -4.66
N ASN A 322 12.12 -8.24 -4.87
CA ASN A 322 12.46 -7.22 -3.92
C ASN A 322 12.12 -5.83 -4.45
N LYS A 323 11.78 -4.91 -3.56
CA LYS A 323 11.52 -3.49 -3.90
C LYS A 323 12.52 -2.86 -4.91
N ASP A 324 13.78 -3.22 -4.82
CA ASP A 324 14.82 -2.57 -5.58
C ASP A 324 15.78 -3.55 -6.23
N GLU A 325 15.26 -4.52 -6.99
CA GLU A 325 16.14 -5.48 -7.69
C GLU A 325 17.22 -4.80 -8.55
N GLY A 326 16.88 -3.68 -9.17
CA GLY A 326 17.75 -3.10 -10.21
C GLY A 326 18.99 -2.35 -9.78
N THR A 327 18.92 -1.70 -8.61
CA THR A 327 19.99 -0.85 -8.09
C THR A 327 21.37 -1.54 -8.03
N ALA A 328 21.42 -2.80 -7.58
CA ALA A 328 22.71 -3.50 -7.44
C ALA A 328 23.59 -3.30 -8.64
N PHE A 329 22.98 -3.37 -9.80
CA PHE A 329 23.71 -3.33 -11.08
C PHE A 329 24.22 -1.97 -11.56
N LEU A 330 23.63 -0.88 -11.08
CA LEU A 330 23.96 0.46 -11.54
C LEU A 330 25.39 0.87 -11.23
N VAL A 331 25.96 0.26 -10.21
CA VAL A 331 27.31 0.62 -9.79
C VAL A 331 28.35 -0.19 -10.57
N TYR A 332 27.92 -1.01 -11.52
CA TYR A 332 28.88 -1.78 -12.29
C TYR A 332 28.99 -1.32 -13.76
N GLY A 333 29.01 0.00 -13.98
CA GLY A 333 29.06 0.51 -15.34
C GLY A 333 28.18 1.68 -15.75
N ALA A 334 27.21 2.04 -14.93
CA ALA A 334 26.34 3.15 -15.30
C ALA A 334 26.92 4.49 -14.82
N PRO A 335 27.02 5.47 -15.75
CA PRO A 335 27.70 6.73 -15.49
C PRO A 335 26.98 7.53 -14.42
N GLY A 336 27.71 8.19 -13.54
CA GLY A 336 27.13 9.03 -12.48
C GLY A 336 26.83 8.29 -11.19
N PHE A 337 26.98 6.97 -11.21
CA PHE A 337 26.69 6.08 -10.07
C PHE A 337 27.94 5.63 -9.29
N SER A 338 27.82 5.67 -7.97
CA SER A 338 28.88 5.20 -7.08
C SER A 338 28.30 4.84 -5.74
N LYS A 339 28.80 3.77 -5.13
CA LYS A 339 28.33 3.39 -3.81
C LYS A 339 28.70 4.45 -2.76
N ASP A 340 29.60 5.37 -3.14
CA ASP A 340 30.15 6.34 -2.18
C ASP A 340 29.51 7.73 -2.17
N ASN A 341 28.96 8.20 -3.30
CA ASN A 341 28.11 9.41 -3.33
C ASN A 341 26.64 8.98 -3.41
N ASN A 342 25.71 9.92 -3.24
CA ASN A 342 24.28 9.59 -3.34
C ASN A 342 23.76 9.63 -4.80
N SER A 343 24.71 9.54 -5.73
CA SER A 343 24.46 9.27 -7.12
C SER A 343 23.29 10.01 -7.82
N ILE A 344 23.01 11.27 -7.43
CA ILE A 344 22.06 12.07 -8.21
C ILE A 344 22.53 12.19 -9.67
N ILE A 345 21.70 11.80 -10.64
CA ILE A 345 22.13 11.87 -12.05
C ILE A 345 21.19 12.81 -12.85
N THR A 346 21.69 13.23 -14.02
CA THR A 346 21.01 14.16 -14.92
C THR A 346 20.45 13.36 -16.07
N ARG A 347 19.29 13.80 -16.59
CA ARG A 347 18.66 13.26 -17.79
C ARG A 347 19.66 12.71 -18.80
N LYS A 348 20.79 13.40 -18.94
CA LYS A 348 21.75 13.04 -19.94
C LYS A 348 22.47 11.75 -19.56
N GLU A 349 22.74 11.61 -18.27
CA GLU A 349 23.37 10.41 -17.74
C GLU A 349 22.41 9.24 -17.80
N PHE A 350 21.20 9.45 -17.30
CA PHE A 350 20.13 8.48 -17.43
C PHE A 350 20.08 7.87 -18.82
N GLN A 351 20.08 8.75 -19.82
CA GLN A 351 20.08 8.33 -21.21
C GLN A 351 21.27 7.47 -21.56
N GLU A 352 22.45 7.77 -20.98
CA GLU A 352 23.63 6.89 -21.18
C GLU A 352 23.47 5.56 -20.47
N GLY A 353 22.98 5.62 -19.21
CA GLY A 353 22.66 4.43 -18.45
C GLY A 353 21.87 3.48 -19.32
N LEU A 354 20.80 4.00 -19.92
CA LEU A 354 20.01 3.29 -20.90
C LEU A 354 20.82 2.58 -21.99
N LYS A 355 21.81 3.26 -22.58
CA LYS A 355 22.65 2.63 -23.60
C LYS A 355 23.52 1.53 -22.99
N ILE A 356 23.93 1.72 -21.75
CA ILE A 356 24.72 0.74 -21.04
C ILE A 356 23.97 -0.59 -20.90
N PHE A 357 22.70 -0.48 -20.49
CA PHE A 357 21.82 -1.62 -20.22
C PHE A 357 20.97 -2.15 -21.38
N PHE A 358 20.76 -1.33 -22.41
CA PHE A 358 20.07 -1.79 -23.64
C PHE A 358 20.94 -1.51 -24.88
N PRO A 359 22.10 -2.24 -25.00
CA PRO A 359 23.16 -1.86 -25.91
C PRO A 359 22.68 -1.84 -27.37
N GLY A 360 22.03 -2.93 -27.80
CA GLY A 360 21.62 -3.01 -29.21
C GLY A 360 20.17 -2.66 -29.49
N VAL A 361 19.68 -1.54 -28.97
CA VAL A 361 18.27 -1.19 -29.06
C VAL A 361 18.02 0.14 -29.74
N SER A 362 16.99 0.16 -30.58
CA SER A 362 16.62 1.32 -31.39
C SER A 362 16.41 2.61 -30.59
N GLU A 363 16.74 3.74 -31.21
CA GLU A 363 16.48 5.07 -30.65
C GLU A 363 15.05 5.15 -30.11
N PHE A 364 14.22 4.26 -30.62
CA PHE A 364 12.84 4.15 -30.29
C PHE A 364 12.54 3.48 -29.02
N GLY A 365 13.16 2.32 -28.87
CA GLY A 365 13.06 1.58 -27.66
C GLY A 365 13.46 2.49 -26.54
N LYS A 366 14.61 3.12 -26.70
CA LYS A 366 15.20 3.90 -25.65
C LYS A 366 14.36 5.12 -25.34
N GLU A 367 13.77 5.73 -26.36
CA GLU A 367 12.86 6.88 -26.14
C GLU A 367 11.51 6.44 -25.55
N SER A 368 11.08 5.20 -25.77
CA SER A 368 9.88 4.72 -25.08
C SER A 368 10.16 4.43 -23.62
N ILE A 369 11.23 3.68 -23.33
CA ILE A 369 11.62 3.45 -21.93
C ILE A 369 11.59 4.78 -21.18
N LEU A 370 12.31 5.75 -21.73
CA LEU A 370 12.43 7.08 -21.17
C LEU A 370 11.08 7.76 -20.92
N PHE A 371 10.11 7.53 -21.79
CA PHE A 371 8.88 8.28 -21.68
C PHE A 371 8.06 7.70 -20.57
N HIS A 372 7.98 6.37 -20.55
CA HIS A 372 7.33 5.63 -19.48
C HIS A 372 7.87 5.85 -18.05
N TYR A 373 9.17 6.04 -17.88
CA TYR A 373 9.73 6.15 -16.53
C TYR A 373 9.97 7.56 -16.08
N THR A 374 9.55 8.50 -16.91
CA THR A 374 9.93 9.89 -16.80
C THR A 374 8.73 10.77 -16.60
N ASP A 375 7.54 10.19 -16.72
CA ASP A 375 6.30 10.86 -16.35
C ASP A 375 6.08 10.86 -14.83
N TRP A 376 6.41 11.98 -14.16
CA TRP A 376 6.37 12.02 -12.69
C TRP A 376 5.85 13.31 -12.09
N VAL A 377 5.73 13.30 -10.76
CA VAL A 377 5.57 14.52 -9.95
C VAL A 377 6.94 15.27 -9.78
N ASP A 378 7.39 15.89 -10.88
CA ASP A 378 8.76 16.46 -11.05
C ASP A 378 9.26 17.18 -9.82
N ASP A 379 8.59 18.28 -9.48
CA ASP A 379 9.08 19.32 -8.54
C ASP A 379 10.61 19.51 -8.58
N GLN A 380 11.24 18.91 -9.61
CA GLN A 380 12.70 18.61 -9.63
C GLN A 380 13.21 17.97 -8.30
N ARG A 381 12.62 16.83 -7.92
CA ARG A 381 13.26 15.93 -6.98
C ARG A 381 14.55 15.52 -7.65
N PRO A 382 15.69 15.84 -7.03
CA PRO A 382 16.96 15.61 -7.70
C PRO A 382 17.19 14.14 -8.03
N GLU A 383 16.61 13.26 -7.22
CA GLU A 383 16.82 11.81 -7.36
C GLU A 383 15.99 11.13 -8.47
N ASN A 384 15.03 11.88 -9.02
CA ASN A 384 14.12 11.38 -10.01
C ASN A 384 14.76 10.42 -11.01
N TYR A 385 15.79 10.87 -11.67
CA TYR A 385 16.41 10.05 -12.69
C TYR A 385 17.17 8.86 -12.12
N ARG A 386 17.81 9.03 -10.96
CA ARG A 386 18.53 7.95 -10.29
C ARG A 386 17.54 6.85 -9.96
N GLU A 387 16.37 7.25 -9.49
CA GLU A 387 15.36 6.29 -9.14
C GLU A 387 14.75 5.59 -10.32
N ALA A 388 14.68 6.26 -11.46
CA ALA A 388 13.97 5.71 -12.62
C ALA A 388 14.84 4.67 -13.29
N LEU A 389 16.16 4.89 -13.24
CA LEU A 389 17.06 3.96 -13.91
C LEU A 389 17.07 2.62 -13.18
N GLY A 390 17.02 2.67 -11.86
CA GLY A 390 17.00 1.44 -11.09
C GLY A 390 15.72 0.67 -11.38
N ASP A 391 14.60 1.39 -11.41
CA ASP A 391 13.32 0.73 -11.60
C ASP A 391 13.23 0.13 -12.99
N VAL A 392 13.88 0.78 -13.97
CA VAL A 392 13.91 0.28 -15.34
C VAL A 392 14.58 -1.05 -15.27
N VAL A 393 15.77 -1.06 -14.67
CA VAL A 393 16.58 -2.25 -14.68
C VAL A 393 15.86 -3.39 -14.00
N GLY A 394 15.25 -3.09 -12.84
CA GLY A 394 14.65 -4.09 -11.95
C GLY A 394 13.42 -4.68 -12.57
N ASP A 395 12.52 -3.80 -13.01
CA ASP A 395 11.27 -4.17 -13.64
C ASP A 395 11.53 -5.11 -14.82
N TYR A 396 12.34 -4.62 -15.74
CA TYR A 396 12.61 -5.32 -16.97
C TYR A 396 13.27 -6.68 -16.73
N ASN A 397 14.09 -6.79 -15.71
CA ASN A 397 14.96 -7.96 -15.61
C ASN A 397 14.54 -8.97 -14.56
N PHE A 398 13.74 -8.51 -13.61
CA PHE A 398 13.38 -9.35 -12.50
C PHE A 398 11.88 -9.39 -12.19
N ILE A 399 11.31 -8.23 -11.87
CA ILE A 399 9.92 -8.16 -11.46
C ILE A 399 8.94 -8.60 -12.56
N CYS A 400 8.94 -7.94 -13.73
CA CYS A 400 7.97 -8.31 -14.73
C CYS A 400 8.09 -9.77 -15.15
N PRO A 401 9.32 -10.29 -15.34
CA PRO A 401 9.32 -11.72 -15.76
C PRO A 401 8.85 -12.62 -14.67
N ALA A 402 9.12 -12.28 -13.40
CA ALA A 402 8.68 -13.08 -12.30
C ALA A 402 7.16 -13.03 -12.24
N LEU A 403 6.57 -11.86 -12.51
CA LEU A 403 5.10 -11.77 -12.55
C LEU A 403 4.48 -12.51 -13.73
N GLU A 404 5.10 -12.45 -14.90
CA GLU A 404 4.61 -13.17 -16.10
C GLU A 404 4.70 -14.69 -15.89
N PHE A 405 5.79 -15.16 -15.28
CA PHE A 405 5.94 -16.60 -15.01
C PHE A 405 4.86 -17.10 -14.08
N THR A 406 4.52 -16.32 -13.05
CA THR A 406 3.47 -16.72 -12.11
C THR A 406 2.10 -16.80 -12.78
N LYS A 407 1.75 -15.77 -13.57
CA LYS A 407 0.54 -15.80 -14.35
C LYS A 407 0.49 -17.07 -15.17
N LYS A 408 1.47 -17.31 -16.05
CA LYS A 408 1.34 -18.46 -16.97
C LYS A 408 1.30 -19.76 -16.22
N PHE A 409 1.94 -19.85 -15.08
CA PHE A 409 1.96 -21.12 -14.34
C PHE A 409 0.59 -21.40 -13.73
N SER A 410 0.04 -20.40 -13.04
CA SER A 410 -1.23 -20.51 -12.34
C SER A 410 -2.41 -20.69 -13.28
N GLU A 411 -2.24 -20.31 -14.54
CA GLU A 411 -3.26 -20.59 -15.52
C GLU A 411 -3.61 -22.08 -15.54
N TRP A 412 -2.65 -22.99 -15.35
CA TRP A 412 -2.95 -24.42 -15.40
C TRP A 412 -3.43 -25.07 -14.10
N GLY A 413 -3.91 -24.30 -13.14
CA GLY A 413 -4.55 -24.88 -11.96
C GLY A 413 -3.91 -24.90 -10.56
N ASN A 414 -2.58 -24.87 -10.46
CA ASN A 414 -1.93 -24.99 -9.14
C ASN A 414 -1.91 -23.66 -8.37
N ASN A 415 -1.71 -23.75 -7.07
CA ASN A 415 -1.65 -22.58 -6.24
C ASN A 415 -0.27 -22.00 -6.36
N ALA A 416 -0.22 -20.69 -6.52
CA ALA A 416 1.03 -19.97 -6.58
C ALA A 416 0.86 -18.97 -5.48
N PHE A 417 1.96 -18.56 -4.86
CA PHE A 417 1.91 -17.48 -3.91
C PHE A 417 2.98 -16.45 -4.29
N PHE A 418 2.65 -15.17 -4.29
CA PHE A 418 3.62 -14.19 -4.73
C PHE A 418 3.90 -13.23 -3.58
N TYR A 419 5.17 -12.82 -3.40
CA TYR A 419 5.56 -11.93 -2.30
C TYR A 419 6.35 -10.73 -2.84
N TYR A 420 6.26 -9.62 -2.13
CA TYR A 420 7.03 -8.46 -2.51
C TYR A 420 7.77 -8.08 -1.25
N PHE A 421 9.09 -8.24 -1.26
CA PHE A 421 9.91 -8.09 -0.06
C PHE A 421 10.40 -6.64 0.06
N GLU A 422 9.92 -5.89 1.03
CA GLU A 422 10.25 -4.47 1.04
C GLU A 422 11.01 -3.94 2.25
N HIS A 423 11.82 -4.78 2.87
CA HIS A 423 12.56 -4.34 4.04
C HIS A 423 14.04 -4.26 3.80
N ARG A 424 14.63 -3.15 4.24
CA ARG A 424 16.08 -2.94 4.09
C ARG A 424 16.81 -3.35 5.33
N SER A 425 17.76 -4.27 5.20
CA SER A 425 18.55 -4.78 6.33
C SER A 425 19.24 -3.58 6.99
N SER A 426 19.22 -3.53 8.33
CA SER A 426 19.80 -2.41 9.09
C SER A 426 21.30 -2.44 8.95
N LYS A 427 21.80 -3.61 8.60
CA LYS A 427 23.20 -3.91 8.49
C LYS A 427 23.75 -3.71 7.08
N LEU A 428 22.89 -3.39 6.12
CA LEU A 428 23.30 -3.37 4.72
C LEU A 428 24.52 -2.47 4.42
N PRO A 429 25.58 -3.07 3.87
CA PRO A 429 26.83 -2.39 3.57
C PRO A 429 26.71 -1.33 2.49
N TRP A 430 25.81 -1.51 1.54
CA TRP A 430 25.57 -0.57 0.47
C TRP A 430 24.76 0.58 1.01
N PRO A 431 24.76 1.74 0.31
CA PRO A 431 24.10 2.93 0.84
C PRO A 431 22.59 2.94 0.78
N GLU A 432 21.97 3.79 1.59
CA GLU A 432 20.52 4.12 1.54
C GLU A 432 19.84 4.16 0.16
N TRP A 433 20.41 4.89 -0.80
CA TRP A 433 19.72 5.07 -2.09
C TRP A 433 19.44 3.73 -2.74
N MET A 434 20.40 2.81 -2.65
CA MET A 434 20.32 1.52 -3.31
C MET A 434 19.17 0.61 -2.79
N GLY A 435 18.47 1.08 -1.75
CA GLY A 435 17.28 0.45 -1.21
C GLY A 435 17.36 -1.02 -0.85
N VAL A 436 16.31 -1.74 -1.24
CA VAL A 436 16.13 -3.16 -0.92
C VAL A 436 16.70 -3.99 -2.06
N MET A 437 18.00 -4.18 -1.99
CA MET A 437 18.74 -4.70 -3.11
C MET A 437 18.43 -6.11 -3.43
N HIS A 438 18.61 -6.40 -4.72
CA HIS A 438 18.70 -7.76 -5.19
C HIS A 438 19.67 -8.55 -4.31
N GLY A 439 19.19 -9.59 -3.68
CA GLY A 439 20.05 -10.50 -2.92
C GLY A 439 19.86 -10.40 -1.44
N TYR A 440 19.22 -9.34 -1.00
CA TYR A 440 19.14 -9.06 0.44
C TYR A 440 17.87 -9.56 1.22
N GLU A 441 17.16 -10.52 0.65
CA GLU A 441 16.16 -11.23 1.39
C GLU A 441 16.80 -12.56 1.91
N ILE A 442 17.79 -13.08 1.18
CA ILE A 442 18.37 -14.39 1.52
C ILE A 442 18.70 -14.51 3.02
N GLU A 443 19.50 -13.57 3.55
CA GLU A 443 19.75 -13.43 5.01
C GLU A 443 18.51 -13.73 5.84
N PHE A 444 17.33 -13.25 5.45
CA PHE A 444 16.14 -13.44 6.30
C PHE A 444 15.48 -14.78 6.13
N VAL A 445 15.42 -15.28 4.91
CA VAL A 445 15.00 -16.65 4.63
C VAL A 445 15.85 -17.66 5.40
N PHE A 446 17.16 -17.41 5.43
CA PHE A 446 18.07 -18.36 6.06
C PHE A 446 18.12 -18.21 7.58
N GLY A 447 17.42 -17.21 8.09
CA GLY A 447 17.25 -17.07 9.52
C GLY A 447 18.38 -16.31 10.17
N LEU A 448 19.23 -15.68 9.39
CA LEU A 448 20.39 -15.05 9.99
C LEU A 448 20.08 -14.06 11.10
N PRO A 449 18.96 -13.28 11.00
CA PRO A 449 18.65 -12.35 12.08
C PRO A 449 18.13 -13.00 13.36
N LEU A 450 17.96 -14.31 13.34
CA LEU A 450 17.48 -15.01 14.53
C LEU A 450 18.58 -15.09 15.58
N GLU A 451 19.81 -14.85 15.13
CA GLU A 451 21.00 -14.86 15.95
C GLU A 451 21.13 -13.57 16.76
N ARG A 452 20.66 -13.66 17.99
CA ARG A 452 20.79 -12.59 18.97
C ARG A 452 22.13 -11.83 18.78
N ARG A 453 23.23 -12.57 18.73
CA ARG A 453 24.62 -12.04 18.80
C ARG A 453 25.18 -11.25 17.58
N ASP A 454 24.48 -11.27 16.45
CA ASP A 454 24.73 -10.28 15.40
C ASP A 454 23.92 -9.00 15.69
N ASN A 455 24.13 -7.95 14.92
CA ASN A 455 23.48 -6.70 15.30
C ASN A 455 22.21 -6.38 14.49
N TYR A 456 21.33 -7.38 14.35
CA TYR A 456 20.03 -7.17 13.70
C TYR A 456 19.06 -6.65 14.75
N THR A 457 18.08 -5.85 14.33
CA THR A 457 17.06 -5.30 15.22
C THR A 457 16.04 -6.34 15.69
N LYS A 458 15.35 -6.07 16.79
CA LYS A 458 14.27 -6.94 17.24
C LYS A 458 13.26 -7.09 16.12
N ALA A 459 13.00 -5.98 15.44
CA ALA A 459 12.00 -5.98 14.38
C ALA A 459 12.39 -7.01 13.32
N GLU A 460 13.66 -6.92 12.91
CA GLU A 460 14.26 -7.84 11.96
C GLU A 460 14.21 -9.28 12.44
N GLU A 461 14.38 -9.49 13.72
CA GLU A 461 14.26 -10.84 14.27
C GLU A 461 12.85 -11.37 14.14
N ILE A 462 11.87 -10.51 14.39
CA ILE A 462 10.49 -10.92 14.19
C ILE A 462 10.20 -11.22 12.69
N LEU A 463 10.59 -10.30 11.80
CA LEU A 463 10.44 -10.50 10.35
C LEU A 463 11.06 -11.78 9.82
N SER A 464 12.35 -12.02 10.12
CA SER A 464 13.00 -13.24 9.71
C SER A 464 12.26 -14.48 10.21
N ARG A 465 11.88 -14.46 11.47
CA ARG A 465 11.22 -15.58 12.09
C ARG A 465 9.96 -15.96 11.32
N SER A 466 9.19 -14.94 11.02
CA SER A 466 7.95 -15.07 10.33
C SER A 466 8.19 -15.64 8.92
N ILE A 467 9.13 -15.05 8.19
CA ILE A 467 9.53 -15.57 6.88
C ILE A 467 9.98 -17.04 7.04
N VAL A 468 10.91 -17.30 7.96
CA VAL A 468 11.42 -18.67 8.16
C VAL A 468 10.28 -19.66 8.32
N LYS A 469 9.24 -19.26 9.06
CA LYS A 469 8.08 -20.11 9.31
C LYS A 469 7.22 -20.32 8.04
N ARG A 470 6.98 -19.24 7.27
CA ARG A 470 6.13 -19.32 6.12
C ARG A 470 6.77 -20.19 5.07
N TRP A 471 8.10 -20.10 4.95
CA TRP A 471 8.86 -20.92 4.01
C TRP A 471 8.85 -22.38 4.42
N ALA A 472 9.06 -22.63 5.70
CA ALA A 472 9.02 -24.01 6.16
C ALA A 472 7.64 -24.60 5.95
N ASN A 473 6.61 -23.80 6.23
CA ASN A 473 5.21 -24.24 6.07
C ASN A 473 4.86 -24.51 4.65
N PHE A 474 5.37 -23.66 3.74
CA PHE A 474 5.23 -23.96 2.33
C PHE A 474 5.87 -25.31 1.99
N ALA A 475 7.12 -25.50 2.41
CA ALA A 475 7.84 -26.76 2.16
C ALA A 475 7.14 -27.95 2.76
N LYS A 476 6.73 -27.87 4.01
CA LYS A 476 6.09 -29.00 4.67
C LYS A 476 4.67 -29.25 4.18
N TYR A 477 3.88 -28.18 4.01
CA TYR A 477 2.43 -28.29 3.81
C TYR A 477 1.88 -27.69 2.56
N GLY A 478 2.70 -27.03 1.76
CA GLY A 478 2.23 -26.43 0.52
C GLY A 478 1.38 -25.18 0.69
N ASN A 479 1.62 -24.44 1.77
CA ASN A 479 0.80 -23.32 2.18
C ASN A 479 1.62 -22.43 3.10
N PRO A 480 2.06 -21.24 2.62
CA PRO A 480 3.04 -20.47 3.36
C PRO A 480 2.38 -19.64 4.41
N ASN A 481 1.58 -20.25 5.26
CA ASN A 481 0.92 -19.40 6.20
C ASN A 481 1.68 -19.34 7.53
N GLU A 482 1.41 -18.37 8.40
CA GLU A 482 2.05 -18.35 9.68
C GLU A 482 0.92 -18.25 10.64
N THR A 483 0.41 -19.38 11.09
CA THR A 483 -0.84 -19.41 11.84
C THR A 483 -0.83 -18.90 13.27
N GLN A 484 0.27 -18.93 14.01
CA GLN A 484 0.29 -18.48 15.41
C GLN A 484 0.22 -16.95 15.69
N ASN A 485 1.17 -16.17 15.16
CA ASN A 485 1.31 -14.73 15.50
C ASN A 485 0.67 -13.82 14.42
N ASN A 486 0.54 -14.35 13.18
CA ASN A 486 0.15 -13.60 11.98
C ASN A 486 -1.33 -13.21 11.92
N SER A 487 -1.56 -11.94 11.63
CA SER A 487 -2.87 -11.43 11.19
C SER A 487 -2.73 -11.27 9.68
N THR A 488 -3.82 -11.45 8.94
CA THR A 488 -3.79 -11.50 7.43
C THR A 488 -2.92 -12.69 6.91
N SER A 489 -3.62 -13.74 6.50
CA SER A 489 -3.02 -14.89 5.87
C SER A 489 -2.72 -14.61 4.40
N TRP A 490 -1.82 -15.42 3.84
CA TRP A 490 -1.32 -15.22 2.50
C TRP A 490 -2.22 -15.84 1.41
N PRO A 491 -2.82 -14.99 0.57
CA PRO A 491 -3.76 -15.47 -0.41
C PRO A 491 -3.12 -16.04 -1.66
N VAL A 492 -3.86 -16.88 -2.37
CA VAL A 492 -3.38 -17.50 -3.58
C VAL A 492 -3.32 -16.48 -4.73
N PHE A 493 -2.25 -16.51 -5.51
CA PHE A 493 -2.18 -15.76 -6.73
C PHE A 493 -2.96 -16.46 -7.83
N LYS A 494 -3.85 -15.71 -8.46
CA LYS A 494 -4.78 -16.20 -9.47
C LYS A 494 -4.77 -15.19 -10.59
N SER A 495 -4.83 -15.66 -11.84
CA SER A 495 -4.46 -14.79 -12.99
C SER A 495 -5.38 -13.60 -13.14
N THR A 496 -6.62 -13.76 -12.69
CA THR A 496 -7.58 -12.67 -12.74
C THR A 496 -7.28 -11.57 -11.73
N GLU A 497 -7.33 -11.89 -10.44
CA GLU A 497 -7.16 -10.89 -9.35
C GLU A 497 -5.72 -10.53 -8.98
N GLN A 498 -4.79 -11.49 -9.01
CA GLN A 498 -3.35 -11.21 -8.92
C GLN A 498 -2.97 -10.56 -7.64
N LYS A 499 -3.21 -11.29 -6.57
CA LYS A 499 -2.96 -10.82 -5.24
C LYS A 499 -1.58 -11.26 -4.82
N TYR A 500 -0.93 -10.44 -4.02
CA TYR A 500 0.33 -10.80 -3.45
C TYR A 500 0.51 -10.18 -2.06
N LEU A 501 1.38 -10.79 -1.27
CA LEU A 501 1.65 -10.38 0.10
C LEU A 501 2.91 -9.55 0.23
N THR A 502 2.83 -8.57 1.12
CA THR A 502 3.92 -7.61 1.38
C THR A 502 4.74 -8.08 2.56
N LEU A 503 6.05 -8.18 2.38
CA LEU A 503 6.93 -8.58 3.47
C LEU A 503 7.72 -7.40 3.94
N ASN A 504 7.45 -7.00 5.18
CA ASN A 504 8.01 -5.81 5.83
C ASN A 504 8.07 -5.95 7.35
N THR A 505 8.81 -5.05 8.00
CA THR A 505 8.82 -4.94 9.47
C THR A 505 7.56 -4.21 9.98
N GLU A 506 7.10 -3.16 9.30
CA GLU A 506 5.84 -2.50 9.75
C GLU A 506 4.54 -3.21 9.30
N SER A 507 3.87 -2.62 8.31
CA SER A 507 2.58 -3.02 7.71
C SER A 507 2.27 -4.52 7.38
N THR A 508 3.00 -5.15 6.47
CA THR A 508 2.54 -6.48 5.92
C THR A 508 1.07 -6.51 5.42
N ARG A 509 0.88 -6.02 4.18
CA ARG A 509 -0.43 -5.81 3.58
C ARG A 509 -0.62 -6.85 2.47
N ILE A 510 -1.87 -7.03 2.05
CA ILE A 510 -2.20 -7.81 0.86
C ILE A 510 -2.51 -6.85 -0.28
N MET A 511 -1.78 -6.90 -1.37
CA MET A 511 -2.09 -5.95 -2.45
C MET A 511 -2.35 -6.65 -3.77
N THR A 512 -2.68 -5.88 -4.80
CA THR A 512 -2.98 -6.48 -6.09
C THR A 512 -2.23 -5.85 -7.26
N LYS A 513 -2.12 -6.63 -8.33
CA LYS A 513 -1.45 -6.28 -9.57
C LYS A 513 -0.18 -5.48 -9.42
N LEU A 514 0.90 -6.13 -9.07
CA LEU A 514 2.16 -5.40 -8.82
C LEU A 514 2.73 -4.79 -10.11
N ARG A 515 3.23 -3.56 -10.04
CA ARG A 515 3.88 -2.88 -11.19
C ARG A 515 3.09 -3.08 -12.49
N ALA A 516 1.78 -2.82 -12.42
CA ALA A 516 0.92 -3.27 -13.49
C ALA A 516 1.17 -2.46 -14.77
N GLN A 517 1.31 -1.13 -14.66
CA GLN A 517 1.66 -0.31 -15.86
C GLN A 517 3.02 -0.71 -16.44
N GLN A 518 4.01 -0.74 -15.56
CA GLN A 518 5.33 -1.12 -15.93
C GLN A 518 5.34 -2.49 -16.59
N CYS A 519 4.55 -3.44 -16.12
CA CYS A 519 4.67 -4.73 -16.77
C CYS A 519 3.97 -4.82 -18.12
N ARG A 520 2.95 -3.99 -18.31
CA ARG A 520 2.24 -3.95 -19.57
C ARG A 520 3.18 -3.35 -20.59
N PHE A 521 3.93 -2.32 -20.18
CA PHE A 521 4.98 -1.79 -21.03
C PHE A 521 6.05 -2.84 -21.44
N TRP A 522 6.69 -3.45 -20.45
CA TRP A 522 7.75 -4.40 -20.71
C TRP A 522 7.29 -5.65 -21.39
N THR A 523 6.05 -6.08 -21.16
CA THR A 523 5.64 -7.37 -21.74
C THR A 523 4.80 -7.32 -23.00
N SER A 524 4.23 -6.15 -23.30
CA SER A 524 3.47 -5.94 -24.52
C SER A 524 4.03 -4.86 -25.43
N PHE A 525 4.13 -3.62 -24.91
CA PHE A 525 4.51 -2.48 -25.75
C PHE A 525 5.92 -2.53 -26.28
N PHE A 526 6.88 -2.74 -25.38
CA PHE A 526 8.29 -2.72 -25.71
C PHE A 526 8.68 -3.86 -26.65
N PRO A 527 8.21 -5.10 -26.35
CA PRO A 527 8.42 -6.14 -27.34
C PRO A 527 7.99 -5.69 -28.74
N LYS A 528 6.84 -5.00 -28.86
CA LYS A 528 6.37 -4.53 -30.17
C LYS A 528 7.35 -3.55 -30.80
N VAL A 529 7.98 -2.70 -30.02
CA VAL A 529 8.97 -1.77 -30.57
C VAL A 529 10.23 -2.50 -31.04
N LEU A 530 10.62 -3.54 -30.31
CA LEU A 530 11.80 -4.33 -30.70
C LEU A 530 11.56 -5.00 -32.03
N GLU A 531 10.35 -5.51 -32.20
CA GLU A 531 9.91 -6.16 -33.43
C GLU A 531 10.15 -5.29 -34.67
N MET A 532 9.74 -4.03 -34.57
CA MET A 532 9.84 -3.06 -35.66
C MET A 532 11.24 -2.90 -36.21
N THR A 533 12.20 -2.58 -35.36
CA THR A 533 13.58 -2.34 -35.80
C THR A 533 14.41 -3.65 -35.93
N GLY A 534 14.00 -4.53 -36.87
CA GLY A 534 14.73 -5.76 -37.28
C GLY A 534 14.84 -6.89 -36.28
N ILE B 4 -27.09 40.12 -13.04
CA ILE B 4 -28.04 39.09 -13.53
C ILE B 4 -29.27 38.95 -12.59
N ILE B 5 -30.45 38.77 -13.16
CA ILE B 5 -31.70 38.77 -12.38
C ILE B 5 -32.52 37.51 -12.68
N ILE B 6 -32.80 36.75 -11.62
CA ILE B 6 -33.52 35.48 -11.70
C ILE B 6 -34.72 35.57 -10.77
N ALA B 7 -35.88 35.09 -11.22
CA ALA B 7 -37.08 35.05 -10.38
C ALA B 7 -37.25 33.72 -9.65
N THR B 8 -37.29 33.78 -8.32
CA THR B 8 -37.57 32.61 -7.52
C THR B 8 -39.06 32.63 -7.22
N LYS B 9 -39.58 31.61 -6.57
CA LYS B 9 -41.00 31.54 -6.25
C LYS B 9 -41.44 32.59 -5.21
N ASN B 10 -40.48 33.27 -4.59
CA ASN B 10 -40.78 34.34 -3.63
C ASN B 10 -40.15 35.65 -4.10
N GLY B 11 -40.34 35.96 -5.37
CA GLY B 11 -39.77 37.18 -5.91
C GLY B 11 -38.38 36.95 -6.42
N LYS B 12 -37.76 38.06 -6.79
CA LYS B 12 -36.61 38.07 -7.69
C LYS B 12 -35.36 38.34 -6.89
N VAL B 13 -34.23 37.86 -7.41
CA VAL B 13 -32.91 38.11 -6.81
C VAL B 13 -31.91 38.58 -7.85
N ARG B 14 -30.99 39.44 -7.44
CA ARG B 14 -29.91 39.87 -8.31
C ARG B 14 -28.59 39.26 -7.84
N GLY B 15 -27.84 38.71 -8.80
CA GLY B 15 -26.55 38.11 -8.53
C GLY B 15 -25.40 39.00 -8.93
N MET B 16 -24.18 38.44 -8.94
CA MET B 16 -23.02 39.15 -9.44
C MET B 16 -22.28 38.29 -10.45
N ASN B 17 -21.37 38.92 -11.21
CA ASN B 17 -20.50 38.22 -12.15
C ASN B 17 -19.11 38.18 -11.56
N LEU B 18 -18.60 36.96 -11.39
CA LEU B 18 -17.24 36.72 -10.89
C LEU B 18 -16.37 36.26 -12.07
N THR B 19 -15.09 36.67 -12.10
CA THR B 19 -14.18 36.17 -13.16
C THR B 19 -13.19 35.13 -12.66
N VAL B 20 -13.36 33.91 -13.19
CA VAL B 20 -12.63 32.72 -12.77
C VAL B 20 -11.96 32.04 -13.95
N PHE B 21 -10.63 32.01 -13.91
CA PHE B 21 -9.80 31.32 -14.93
C PHE B 21 -10.15 31.77 -16.35
N GLY B 22 -9.98 33.07 -16.61
CA GLY B 22 -10.35 33.70 -17.89
C GLY B 22 -11.80 33.52 -18.31
N GLY B 23 -12.64 32.99 -17.43
CA GLY B 23 -14.07 32.79 -17.72
C GLY B 23 -14.96 33.49 -16.71
N THR B 24 -16.26 33.16 -16.72
CA THR B 24 -17.20 33.85 -15.84
C THR B 24 -18.04 32.87 -15.02
N VAL B 25 -18.27 33.16 -13.75
CA VAL B 25 -19.21 32.39 -12.94
C VAL B 25 -20.14 33.41 -12.35
N THR B 26 -21.42 33.02 -12.31
CA THR B 26 -22.49 33.86 -11.76
C THR B 26 -22.74 33.49 -10.29
N ALA B 27 -22.47 34.43 -9.38
CA ALA B 27 -22.67 34.20 -7.92
C ALA B 27 -24.02 34.72 -7.42
N PHE B 28 -24.63 34.05 -6.46
CA PHE B 28 -25.83 34.60 -5.80
C PHE B 28 -25.68 34.47 -4.29
N LEU B 29 -24.81 35.28 -3.71
CA LEU B 29 -24.49 35.18 -2.30
C LEU B 29 -25.61 35.63 -1.32
N GLY B 30 -26.10 34.73 -0.49
CA GLY B 30 -26.91 35.20 0.61
C GLY B 30 -28.37 35.36 0.29
N ILE B 31 -28.93 34.47 -0.51
CA ILE B 31 -30.37 34.41 -0.71
C ILE B 31 -31.03 33.82 0.53
N PRO B 32 -32.09 34.48 1.09
CA PRO B 32 -32.78 33.93 2.29
C PRO B 32 -33.57 32.75 1.83
N TYR B 33 -33.86 31.79 2.71
CA TYR B 33 -34.69 30.65 2.33
C TYR B 33 -35.66 30.39 3.44
N ALA B 34 -35.63 31.20 4.48
CA ALA B 34 -36.59 31.05 5.58
C ALA B 34 -36.80 32.34 6.40
N GLN B 35 -37.83 32.31 7.25
CA GLN B 35 -38.02 33.41 8.20
C GLN B 35 -36.95 33.45 9.26
N PRO B 36 -36.37 34.64 9.49
CA PRO B 36 -35.34 34.73 10.51
C PRO B 36 -35.85 34.19 11.87
N PRO B 37 -35.13 33.22 12.47
CA PRO B 37 -35.56 32.49 13.68
C PRO B 37 -35.36 33.30 14.98
N LEU B 38 -35.83 34.55 14.89
CA LEU B 38 -35.78 35.55 15.95
C LEU B 38 -36.98 35.52 16.90
N GLY B 39 -36.77 36.08 18.09
CA GLY B 39 -37.83 36.26 19.06
C GLY B 39 -38.58 35.00 19.39
N ARG B 40 -39.77 34.88 18.86
CA ARG B 40 -40.63 33.75 19.17
C ARG B 40 -40.18 32.53 18.42
N LEU B 41 -39.66 32.78 17.23
CA LEU B 41 -39.28 31.70 16.34
C LEU B 41 -37.98 30.99 16.80
N ARG B 42 -37.35 31.47 17.86
CA ARG B 42 -36.09 30.87 18.30
C ARG B 42 -36.43 29.49 18.75
N PHE B 43 -35.56 28.53 18.42
CA PHE B 43 -35.73 27.13 18.79
C PHE B 43 -36.83 26.35 18.04
N LYS B 44 -37.62 27.00 17.21
CA LYS B 44 -38.68 26.30 16.48
C LYS B 44 -38.16 25.81 15.12
N LYS B 45 -38.89 24.93 14.42
CA LYS B 45 -38.48 24.57 13.07
C LYS B 45 -38.44 25.86 12.22
N PRO B 46 -37.61 25.92 11.15
CA PRO B 46 -37.64 27.12 10.33
C PRO B 46 -38.97 27.32 9.65
N GLN B 47 -39.46 28.55 9.63
CA GLN B 47 -40.73 28.90 8.96
C GLN B 47 -40.43 29.44 7.56
N SER B 48 -41.33 29.20 6.62
CA SER B 48 -41.12 29.61 5.24
C SER B 48 -41.24 31.13 5.01
N LEU B 49 -40.81 31.57 3.84
CA LEU B 49 -40.88 32.98 3.51
C LEU B 49 -42.18 33.29 2.81
N THR B 50 -42.60 34.55 2.89
CA THR B 50 -43.68 35.06 2.05
C THR B 50 -43.03 35.92 0.96
N LYS B 51 -43.71 36.03 -0.18
CA LYS B 51 -43.27 36.82 -1.33
C LYS B 51 -42.64 38.22 -0.98
N TRP B 52 -41.67 38.66 -1.78
CA TRP B 52 -41.25 40.07 -1.70
C TRP B 52 -41.38 40.73 -3.08
N SER B 53 -41.91 41.96 -3.07
CA SER B 53 -42.35 42.70 -4.29
C SER B 53 -41.21 43.19 -5.19
N ASP B 54 -40.03 43.35 -4.61
CA ASP B 54 -38.91 43.97 -5.30
C ASP B 54 -37.85 42.95 -5.69
N ILE B 55 -36.61 43.42 -5.61
CA ILE B 55 -35.44 42.66 -5.97
C ILE B 55 -34.60 42.51 -4.70
N TRP B 56 -34.16 41.28 -4.44
CA TRP B 56 -33.19 41.03 -3.37
C TRP B 56 -31.74 41.13 -3.89
N ASN B 57 -30.95 42.04 -3.32
CA ASN B 57 -29.54 42.14 -3.69
C ASN B 57 -28.76 40.97 -3.06
N ALA B 58 -28.56 39.90 -3.84
CA ALA B 58 -27.87 38.67 -3.38
C ALA B 58 -26.40 38.66 -3.76
N THR B 59 -25.65 39.63 -3.21
CA THR B 59 -24.36 40.00 -3.76
C THR B 59 -23.23 39.98 -2.71
N LYS B 60 -23.57 39.57 -1.50
CA LYS B 60 -22.51 39.36 -0.50
C LYS B 60 -22.89 38.21 0.47
N TYR B 61 -21.87 37.62 1.09
CA TYR B 61 -22.13 36.57 2.06
C TYR B 61 -22.99 37.16 3.15
N ALA B 62 -23.99 36.41 3.62
CA ALA B 62 -24.86 36.89 4.69
C ALA B 62 -24.28 36.52 6.04
N ASN B 63 -25.09 36.67 7.07
CA ASN B 63 -24.56 36.58 8.40
C ASN B 63 -24.31 35.15 8.73
N SER B 64 -23.12 34.85 9.22
CA SER B 64 -22.93 33.56 9.84
C SER B 64 -23.81 33.51 11.05
N CYS B 65 -23.83 32.35 11.67
CA CYS B 65 -24.89 31.94 12.51
C CYS B 65 -24.27 31.85 13.89
N CYS B 66 -25.03 32.18 14.94
CA CYS B 66 -24.42 32.41 16.28
C CYS B 66 -23.67 31.22 16.81
N GLN B 67 -22.46 31.43 17.28
CA GLN B 67 -21.55 30.34 17.68
C GLN B 67 -20.33 30.83 18.45
N ASN B 68 -19.74 29.98 19.26
CA ASN B 68 -18.51 30.32 19.94
C ASN B 68 -17.38 30.27 18.94
N ILE B 69 -16.40 31.16 19.09
CA ILE B 69 -15.26 31.24 18.18
C ILE B 69 -14.14 30.50 18.82
N ASP B 70 -13.18 30.01 18.04
CA ASP B 70 -11.97 29.33 18.57
C ASP B 70 -10.86 30.38 18.82
N GLN B 71 -10.55 30.63 20.09
CA GLN B 71 -9.45 31.52 20.42
C GLN B 71 -8.35 30.81 21.13
N SER B 72 -7.94 29.64 20.67
CA SER B 72 -6.78 29.06 21.26
C SER B 72 -5.56 29.60 20.53
N PHE B 73 -5.70 29.95 19.26
CA PHE B 73 -4.51 30.37 18.50
C PHE B 73 -4.75 31.64 17.72
N PRO B 74 -4.66 32.77 18.44
CA PRO B 74 -5.07 34.02 17.87
C PRO B 74 -3.98 34.44 16.90
N GLY B 75 -4.43 34.78 15.69
CA GLY B 75 -3.52 35.20 14.65
C GLY B 75 -3.21 34.07 13.70
N PHE B 76 -3.05 32.87 14.28
CA PHE B 76 -2.71 31.62 13.56
C PHE B 76 -3.75 31.24 12.49
N HIS B 77 -3.29 31.12 11.25
CA HIS B 77 -4.18 30.79 10.15
C HIS B 77 -4.84 29.42 10.33
N GLY B 78 -4.08 28.49 10.92
CA GLY B 78 -4.50 27.10 10.97
C GLY B 78 -5.88 26.92 11.56
N SER B 79 -6.13 27.69 12.62
CA SER B 79 -7.35 27.57 13.39
C SER B 79 -8.35 28.62 12.97
N GLU B 80 -7.82 29.78 12.54
CA GLU B 80 -8.67 30.91 12.16
C GLU B 80 -9.31 30.83 10.80
N MET B 81 -8.82 29.97 9.90
CA MET B 81 -9.50 29.81 8.62
C MET B 81 -10.85 29.09 8.80
N TRP B 82 -11.10 28.61 10.04
CA TRP B 82 -12.32 27.85 10.37
C TRP B 82 -13.35 28.72 11.06
N ASN B 83 -12.90 29.79 11.68
CA ASN B 83 -13.75 30.81 12.28
C ASN B 83 -14.54 31.57 11.23
N PRO B 84 -15.77 32.03 11.60
CA PRO B 84 -16.64 32.60 10.57
C PRO B 84 -16.08 33.91 10.12
N ASN B 85 -16.52 34.35 8.95
CA ASN B 85 -15.88 35.49 8.29
C ASN B 85 -16.93 36.53 7.86
N THR B 86 -18.10 36.45 8.47
CA THR B 86 -19.06 37.55 8.43
C THR B 86 -19.54 37.74 9.86
N ASP B 87 -20.42 38.71 10.03
CA ASP B 87 -20.95 38.90 11.36
C ASP B 87 -21.95 37.84 11.77
N LEU B 88 -21.78 37.40 13.02
CA LEU B 88 -22.71 36.51 13.70
C LEU B 88 -24.09 37.18 13.90
N SER B 89 -25.16 36.43 13.67
CA SER B 89 -26.53 36.91 13.91
C SER B 89 -27.43 35.72 14.05
N GLU B 90 -28.46 35.80 14.90
CA GLU B 90 -29.59 34.86 14.78
C GLU B 90 -30.29 34.97 13.40
N ASP B 91 -30.26 36.14 12.77
CA ASP B 91 -30.82 36.26 11.43
C ASP B 91 -29.79 35.77 10.38
N CYS B 92 -29.80 34.45 10.16
CA CYS B 92 -28.62 33.76 9.65
C CYS B 92 -29.02 32.75 8.54
N LEU B 93 -30.29 32.37 8.49
CA LEU B 93 -30.73 31.37 7.51
C LEU B 93 -30.66 31.84 6.05
N TYR B 94 -29.48 31.78 5.49
CA TYR B 94 -29.28 32.20 4.13
C TYR B 94 -28.50 31.13 3.33
N LEU B 95 -28.59 31.20 1.99
CA LEU B 95 -27.89 30.24 1.14
C LEU B 95 -27.25 30.86 -0.10
N ASN B 96 -26.16 30.25 -0.56
CA ASN B 96 -25.43 30.72 -1.70
C ASN B 96 -25.63 29.81 -2.92
N VAL B 97 -25.32 30.34 -4.11
CA VAL B 97 -25.48 29.62 -5.34
C VAL B 97 -24.47 30.12 -6.34
N TRP B 98 -23.70 29.20 -6.94
CA TRP B 98 -22.82 29.58 -8.06
C TRP B 98 -23.28 28.84 -9.30
N ILE B 99 -23.41 29.58 -10.39
CA ILE B 99 -23.81 29.04 -11.69
C ILE B 99 -22.67 29.19 -12.71
N PRO B 100 -22.46 28.17 -13.55
CA PRO B 100 -21.45 28.34 -14.61
C PRO B 100 -21.97 29.34 -15.67
N ALA B 101 -21.03 30.00 -16.34
CA ALA B 101 -21.35 31.08 -17.30
C ALA B 101 -21.18 30.47 -18.62
N PRO B 102 -22.13 30.39 -19.51
CA PRO B 102 -23.48 30.85 -19.65
C PRO B 102 -24.38 29.88 -18.90
N LYS B 103 -25.47 30.41 -18.36
CA LYS B 103 -26.49 29.53 -17.80
C LYS B 103 -26.55 28.19 -18.55
N PRO B 104 -26.44 27.07 -17.84
CA PRO B 104 -26.94 25.78 -18.38
C PRO B 104 -28.47 25.97 -18.34
N LYS B 105 -29.40 25.34 -19.05
CA LYS B 105 -29.71 23.99 -19.45
C LYS B 105 -30.35 23.20 -18.25
N ASN B 106 -29.98 21.94 -17.99
CA ASN B 106 -30.22 21.33 -16.65
C ASN B 106 -28.95 20.75 -16.02
N ALA B 107 -28.15 21.67 -15.47
CA ALA B 107 -26.90 21.37 -14.79
C ALA B 107 -27.11 20.58 -13.51
N THR B 108 -26.17 19.68 -13.21
CA THR B 108 -26.18 18.89 -11.97
C THR B 108 -25.80 19.81 -10.83
N VAL B 109 -26.39 19.57 -9.66
CA VAL B 109 -26.23 20.42 -8.51
C VAL B 109 -25.43 19.70 -7.41
N LEU B 110 -24.39 20.36 -6.91
CA LEU B 110 -23.76 19.92 -5.66
C LEU B 110 -24.24 20.81 -4.50
N ILE B 111 -24.77 20.21 -3.45
CA ILE B 111 -25.17 20.99 -2.26
C ILE B 111 -24.23 20.68 -1.09
N TRP B 112 -23.50 21.69 -0.61
CA TRP B 112 -22.51 21.52 0.46
C TRP B 112 -23.13 21.68 1.84
N ILE B 113 -22.72 20.86 2.82
CA ILE B 113 -23.12 21.08 4.20
C ILE B 113 -21.86 21.12 5.06
N TYR B 114 -21.50 22.28 5.61
CA TYR B 114 -20.26 22.44 6.41
C TYR B 114 -20.17 21.64 7.69
N GLY B 115 -18.95 21.29 8.06
CA GLY B 115 -18.73 20.61 9.30
C GLY B 115 -18.49 21.56 10.45
N GLY B 116 -17.78 21.09 11.48
CA GLY B 116 -17.63 21.90 12.69
C GLY B 116 -18.35 21.35 13.95
N GLY B 117 -18.43 20.01 14.07
CA GLY B 117 -18.98 19.41 15.29
C GLY B 117 -20.37 19.88 15.72
N PHE B 118 -21.14 20.52 14.82
CA PHE B 118 -22.50 21.05 15.11
C PHE B 118 -22.55 22.27 16.03
N GLN B 119 -21.40 22.69 16.55
CA GLN B 119 -21.33 23.83 17.45
C GLN B 119 -20.88 25.10 16.71
N THR B 120 -20.24 24.95 15.54
CA THR B 120 -19.68 26.06 14.78
C THR B 120 -19.85 25.97 13.25
N GLY B 121 -19.25 26.91 12.51
CA GLY B 121 -19.16 26.83 11.06
C GLY B 121 -20.17 27.61 10.23
N THR B 122 -19.68 28.07 9.10
CA THR B 122 -20.47 28.91 8.23
C THR B 122 -20.21 28.56 6.80
N SER B 123 -21.13 28.94 5.92
CA SER B 123 -21.02 28.52 4.54
C SER B 123 -20.15 29.42 3.70
N SER B 124 -19.61 30.49 4.30
CA SER B 124 -18.90 31.51 3.56
C SER B 124 -17.39 31.48 3.77
N LEU B 125 -16.86 30.41 4.34
CA LEU B 125 -15.40 30.31 4.49
C LEU B 125 -14.84 30.24 3.11
N HIS B 126 -13.62 30.76 2.95
CA HIS B 126 -12.84 30.66 1.70
C HIS B 126 -12.75 29.23 1.10
N VAL B 127 -12.40 28.23 1.92
CA VAL B 127 -12.33 26.83 1.45
C VAL B 127 -13.64 26.18 0.98
N TYR B 128 -14.79 26.83 1.22
CA TYR B 128 -16.06 26.34 0.65
C TYR B 128 -16.55 27.11 -0.57
N ASP B 129 -15.69 28.00 -1.12
CA ASP B 129 -16.02 28.83 -2.28
C ASP B 129 -16.27 27.98 -3.49
N GLY B 130 -17.51 27.93 -3.93
CA GLY B 130 -17.85 26.98 -4.99
C GLY B 130 -17.72 27.49 -6.42
N LYS B 131 -17.02 28.60 -6.59
CA LYS B 131 -16.90 29.18 -7.93
C LYS B 131 -16.09 28.26 -8.82
N PHE B 132 -14.92 27.80 -8.31
CA PHE B 132 -14.08 26.85 -9.08
C PHE B 132 -14.79 25.56 -9.57
N LEU B 133 -15.57 24.90 -8.73
CA LEU B 133 -16.38 23.77 -9.22
C LEU B 133 -17.33 24.13 -10.36
N ALA B 134 -17.95 25.32 -10.29
CA ALA B 134 -18.89 25.72 -11.33
C ALA B 134 -18.12 26.07 -12.63
N ARG B 135 -17.05 26.84 -12.49
CA ARG B 135 -16.22 27.13 -13.62
C ARG B 135 -15.68 25.86 -14.30
N VAL B 136 -14.92 25.06 -13.55
CA VAL B 136 -14.19 23.92 -14.10
C VAL B 136 -15.00 22.65 -14.44
N GLU B 137 -16.14 22.43 -13.83
CA GLU B 137 -16.84 21.21 -14.13
C GLU B 137 -18.23 21.46 -14.67
N ARG B 138 -18.64 22.73 -14.67
CA ARG B 138 -20.00 23.16 -15.14
C ARG B 138 -21.10 22.54 -14.31
N VAL B 139 -21.01 22.76 -12.99
CA VAL B 139 -22.05 22.30 -12.06
C VAL B 139 -22.55 23.55 -11.38
N ILE B 140 -23.80 23.48 -10.91
CA ILE B 140 -24.27 24.48 -9.96
C ILE B 140 -23.89 23.96 -8.57
N VAL B 141 -23.14 24.77 -7.84
CA VAL B 141 -22.89 24.55 -6.43
C VAL B 141 -23.82 25.43 -5.59
N VAL B 142 -24.49 24.82 -4.60
CA VAL B 142 -25.23 25.55 -3.53
C VAL B 142 -24.56 25.27 -2.17
N SER B 143 -24.42 26.27 -1.30
CA SER B 143 -24.21 26.00 0.14
C SER B 143 -25.25 26.75 0.92
N MET B 144 -25.46 26.41 2.18
CA MET B 144 -26.44 27.10 3.03
C MET B 144 -25.89 27.19 4.46
N ASN B 145 -26.43 28.14 5.23
CA ASN B 145 -26.14 28.22 6.66
C ASN B 145 -27.28 27.57 7.42
N TYR B 146 -26.92 26.90 8.52
CA TYR B 146 -27.91 26.25 9.38
C TYR B 146 -27.53 26.49 10.85
N ARG B 147 -28.54 26.60 11.73
CA ARG B 147 -28.28 26.85 13.14
C ARG B 147 -27.36 25.80 13.82
N VAL B 148 -26.50 26.24 14.73
CA VAL B 148 -25.60 25.32 15.41
C VAL B 148 -25.59 25.59 16.92
N GLY B 149 -25.10 24.60 17.67
CA GLY B 149 -25.20 24.64 19.11
C GLY B 149 -26.65 24.66 19.53
N ALA B 150 -26.88 25.11 20.75
CA ALA B 150 -28.21 25.02 21.34
C ALA B 150 -29.23 25.70 20.48
N LEU B 151 -28.84 26.71 19.69
CA LEU B 151 -29.85 27.43 18.92
C LEU B 151 -30.31 26.59 17.75
N GLY B 152 -29.50 25.57 17.42
CA GLY B 152 -29.84 24.64 16.36
C GLY B 152 -30.32 23.27 16.84
N PHE B 153 -29.94 22.87 18.06
CA PHE B 153 -30.17 21.49 18.50
C PHE B 153 -30.73 21.27 19.93
N LEU B 154 -31.14 22.35 20.60
CA LEU B 154 -31.69 22.25 21.93
C LEU B 154 -33.01 21.46 21.84
N ALA B 155 -33.19 20.49 22.72
CA ALA B 155 -34.27 19.54 22.58
C ALA B 155 -34.95 19.28 23.89
N LEU B 156 -36.24 19.53 23.93
CA LEU B 156 -37.07 18.97 24.96
C LEU B 156 -37.95 18.01 24.21
N PRO B 157 -37.61 16.71 24.30
CA PRO B 157 -38.21 15.65 23.46
C PRO B 157 -39.74 15.76 23.33
N GLY B 158 -40.20 16.04 22.11
CA GLY B 158 -41.63 16.18 21.83
C GLY B 158 -42.19 17.61 21.89
N ASN B 159 -41.67 18.43 22.80
CA ASN B 159 -42.14 19.80 22.91
C ASN B 159 -41.92 20.65 21.64
N PRO B 160 -43.02 21.03 20.93
CA PRO B 160 -42.92 21.80 19.65
C PRO B 160 -42.20 23.15 19.78
N GLU B 161 -41.93 23.57 21.00
CA GLU B 161 -41.22 24.82 21.24
C GLU B 161 -39.70 24.65 21.13
N ALA B 162 -39.23 23.43 21.39
CA ALA B 162 -37.84 23.03 21.15
C ALA B 162 -37.76 21.53 20.89
N PRO B 163 -38.14 21.09 19.66
CA PRO B 163 -38.20 19.67 19.27
C PRO B 163 -36.85 18.98 19.07
N GLY B 164 -35.82 19.74 18.72
CA GLY B 164 -34.55 19.15 18.37
C GLY B 164 -34.33 19.17 16.86
N ASN B 165 -33.11 18.88 16.44
CA ASN B 165 -32.77 18.85 15.04
C ASN B 165 -33.24 20.06 14.26
N MET B 166 -33.22 21.25 14.84
CA MET B 166 -33.66 22.42 14.07
C MET B 166 -32.68 22.76 12.96
N GLY B 167 -31.38 22.68 13.25
CA GLY B 167 -30.35 22.88 12.22
C GLY B 167 -30.57 21.92 11.05
N LEU B 168 -30.91 20.66 11.38
CA LEU B 168 -31.17 19.67 10.37
C LEU B 168 -32.38 20.07 9.54
N PHE B 169 -33.41 20.69 10.15
CA PHE B 169 -34.54 21.18 9.36
C PHE B 169 -34.17 22.39 8.53
N ASP B 170 -33.32 23.28 9.07
CA ASP B 170 -32.79 24.39 8.25
C ASP B 170 -32.23 23.79 6.95
N GLN B 171 -31.35 22.77 7.04
CA GLN B 171 -30.71 22.15 5.87
C GLN B 171 -31.77 21.65 4.93
N GLN B 172 -32.74 20.97 5.52
CA GLN B 172 -33.76 20.35 4.73
C GLN B 172 -34.55 21.45 4.03
N LEU B 173 -34.71 22.62 4.68
CA LEU B 173 -35.51 23.66 4.05
C LEU B 173 -34.75 24.34 2.93
N ALA B 174 -33.42 24.35 3.00
CA ALA B 174 -32.60 24.74 1.85
C ALA B 174 -32.66 23.70 0.73
N LEU B 175 -32.74 22.41 1.08
CA LEU B 175 -32.94 21.36 0.07
C LEU B 175 -34.25 21.55 -0.71
N GLN B 176 -35.35 21.76 0.02
CA GLN B 176 -36.66 22.12 -0.60
C GLN B 176 -36.52 23.36 -1.48
N TRP B 177 -35.76 24.34 -1.02
CA TRP B 177 -35.62 25.56 -1.78
C TRP B 177 -35.12 25.21 -3.19
N VAL B 178 -34.01 24.45 -3.23
CA VAL B 178 -33.41 24.02 -4.47
C VAL B 178 -34.40 23.26 -5.37
N GLN B 179 -35.17 22.34 -4.78
CA GLN B 179 -36.12 21.59 -5.60
C GLN B 179 -37.08 22.54 -6.33
N LYS B 180 -37.51 23.58 -5.61
CA LYS B 180 -38.44 24.56 -6.12
C LYS B 180 -37.81 25.55 -7.06
N ASN B 181 -36.56 25.92 -6.83
CA ASN B 181 -36.06 27.08 -7.54
C ASN B 181 -34.97 26.86 -8.57
N ILE B 182 -34.14 25.83 -8.36
CA ILE B 182 -32.87 25.66 -9.09
C ILE B 182 -33.15 25.57 -10.61
N ALA B 183 -34.34 25.06 -10.95
CA ALA B 183 -34.75 25.01 -12.35
C ALA B 183 -34.57 26.40 -12.98
N ALA B 184 -35.08 27.44 -12.30
CA ALA B 184 -34.87 28.84 -12.74
C ALA B 184 -33.42 29.28 -12.93
N PHE B 185 -32.48 28.60 -12.26
CA PHE B 185 -31.06 28.92 -12.40
C PHE B 185 -30.33 28.04 -13.40
N GLY B 186 -31.04 27.12 -14.03
CA GLY B 186 -30.36 26.23 -14.96
C GLY B 186 -29.90 24.91 -14.34
N GLY B 187 -30.55 24.50 -13.25
CA GLY B 187 -30.12 23.32 -12.56
C GLY B 187 -31.17 22.23 -12.59
N ASN B 188 -30.71 20.99 -12.49
CA ASN B 188 -31.53 19.83 -12.67
C ASN B 188 -32.02 19.35 -11.33
N PRO B 189 -33.29 19.65 -10.98
CA PRO B 189 -33.72 19.21 -9.64
C PRO B 189 -33.69 17.70 -9.45
N LYS B 190 -33.54 16.96 -10.54
CA LYS B 190 -33.46 15.50 -10.44
C LYS B 190 -32.01 15.00 -10.25
N SER B 191 -31.05 15.90 -10.41
CA SER B 191 -29.66 15.54 -10.34
C SER B 191 -28.94 16.39 -9.28
N VAL B 192 -29.26 16.09 -8.01
CA VAL B 192 -28.73 16.82 -6.82
C VAL B 192 -27.86 15.90 -5.93
N THR B 193 -26.67 16.36 -5.58
CA THR B 193 -25.79 15.55 -4.75
C THR B 193 -25.34 16.29 -3.49
N LEU B 194 -25.60 15.66 -2.34
CA LEU B 194 -25.20 16.28 -1.08
C LEU B 194 -23.76 15.90 -0.82
N PHE B 195 -22.91 16.87 -0.53
CA PHE B 195 -21.61 16.56 0.05
C PHE B 195 -21.37 17.38 1.28
N GLY B 196 -20.62 16.82 2.23
CA GLY B 196 -20.39 17.47 3.49
C GLY B 196 -19.15 16.92 4.13
N GLU B 197 -18.66 17.60 5.15
CA GLU B 197 -17.51 17.09 5.87
C GLU B 197 -17.74 17.05 7.39
N SER B 198 -17.05 16.16 8.08
CA SER B 198 -17.24 15.99 9.51
C SER B 198 -18.72 16.03 9.93
N ALA B 199 -19.18 17.13 10.53
CA ALA B 199 -20.59 17.17 10.89
C ALA B 199 -21.49 17.40 9.70
N GLY B 200 -20.98 17.93 8.59
CA GLY B 200 -21.77 17.91 7.35
C GLY B 200 -21.90 16.49 6.78
N ALA B 201 -20.83 15.73 6.86
CA ALA B 201 -20.88 14.33 6.53
C ALA B 201 -21.97 13.63 7.30
N ALA B 202 -21.98 13.88 8.62
CA ALA B 202 -22.91 13.22 9.51
C ALA B 202 -24.28 13.68 9.14
N SER B 203 -24.40 14.97 8.83
CA SER B 203 -25.70 15.55 8.44
C SER B 203 -26.23 14.86 7.17
N VAL B 204 -25.31 14.67 6.22
CA VAL B 204 -25.66 14.08 4.94
C VAL B 204 -26.20 12.68 5.21
N SER B 205 -25.51 11.91 6.05
CA SER B 205 -25.95 10.56 6.26
C SER B 205 -27.33 10.54 6.89
N LEU B 206 -27.65 11.52 7.74
CA LEU B 206 -29.01 11.62 8.34
C LEU B 206 -30.07 11.92 7.31
N HIS B 207 -29.71 12.68 6.28
CA HIS B 207 -30.64 12.88 5.16
C HIS B 207 -30.95 11.58 4.42
N LEU B 208 -29.95 10.72 4.29
CA LEU B 208 -30.19 9.39 3.74
C LEU B 208 -31.24 8.62 4.55
N LEU B 209 -31.36 8.94 5.84
CA LEU B 209 -32.31 8.29 6.71
C LEU B 209 -33.62 9.05 6.82
N SER B 210 -33.58 10.34 6.57
CA SER B 210 -34.75 11.17 6.85
C SER B 210 -35.86 11.06 5.79
N PRO B 211 -37.00 10.52 6.17
CA PRO B 211 -38.11 10.46 5.19
C PRO B 211 -38.38 11.80 4.50
N GLY B 212 -38.47 12.86 5.28
CA GLY B 212 -38.69 14.17 4.72
C GLY B 212 -37.64 14.64 3.72
N SER B 213 -36.44 14.08 3.77
CA SER B 213 -35.37 14.50 2.88
C SER B 213 -35.29 13.63 1.63
N HIS B 214 -36.01 12.50 1.67
CA HIS B 214 -35.90 11.36 0.74
C HIS B 214 -35.94 11.76 -0.69
N SER B 215 -36.70 12.76 -1.03
CA SER B 215 -36.82 13.13 -2.43
C SER B 215 -36.21 14.50 -2.74
N LEU B 216 -35.35 14.97 -1.84
CA LEU B 216 -34.76 16.30 -2.02
C LEU B 216 -33.34 16.32 -2.66
N PHE B 217 -32.78 15.13 -2.90
CA PHE B 217 -31.46 14.96 -3.53
C PHE B 217 -31.36 13.57 -4.16
N THR B 218 -30.29 13.33 -4.91
CA THR B 218 -30.08 12.06 -5.61
C THR B 218 -29.02 11.13 -4.99
N ARG B 219 -27.82 11.66 -4.74
CA ARG B 219 -26.70 10.89 -4.23
C ARG B 219 -26.06 11.65 -3.12
N ALA B 220 -25.20 10.98 -2.36
CA ALA B 220 -24.58 11.63 -1.25
C ALA B 220 -23.10 11.30 -1.26
N ILE B 221 -22.28 12.26 -0.83
CA ILE B 221 -20.83 12.15 -0.66
C ILE B 221 -20.51 12.53 0.78
N LEU B 222 -19.67 11.72 1.45
CA LEU B 222 -19.49 11.85 2.88
C LEU B 222 -18.02 11.94 3.23
N GLN B 223 -17.53 13.11 3.62
CA GLN B 223 -16.10 13.28 3.89
C GLN B 223 -15.71 13.38 5.36
N SER B 224 -14.92 12.42 5.84
CA SER B 224 -14.62 12.34 7.26
C SER B 224 -15.83 12.46 8.23
N GLY B 225 -16.88 11.65 8.05
CA GLY B 225 -17.90 11.54 9.10
C GLY B 225 -19.20 10.84 8.72
N SER B 226 -19.93 10.36 9.71
CA SER B 226 -21.15 9.61 9.45
C SER B 226 -21.94 9.50 10.77
N PHE B 227 -23.26 9.33 10.72
CA PHE B 227 -24.07 9.47 11.93
C PHE B 227 -23.75 8.46 13.02
N ASN B 228 -23.07 7.38 12.66
CA ASN B 228 -22.85 6.32 13.63
C ASN B 228 -21.60 6.56 14.38
N ALA B 229 -20.99 7.73 14.23
CA ALA B 229 -19.74 8.09 14.96
C ALA B 229 -20.09 8.40 16.39
N PRO B 230 -19.16 8.11 17.35
CA PRO B 230 -19.48 8.26 18.79
C PRO B 230 -19.95 9.68 19.12
N TRP B 231 -19.47 10.66 18.35
CA TRP B 231 -19.86 12.06 18.58
C TRP B 231 -21.18 12.56 17.93
N ALA B 232 -21.78 11.80 17.01
CA ALA B 232 -22.78 12.39 16.12
C ALA B 232 -24.21 12.44 16.63
N VAL B 233 -24.64 11.48 17.42
CA VAL B 233 -26.03 11.52 17.85
C VAL B 233 -26.15 11.46 19.32
N THR B 234 -26.97 12.35 19.86
CA THR B 234 -27.18 12.50 21.27
C THR B 234 -28.45 11.73 21.63
N SER B 235 -28.40 10.96 22.71
CA SER B 235 -29.58 10.16 23.11
C SER B 235 -30.72 11.01 23.73
N LEU B 236 -31.96 10.53 23.60
CA LEU B 236 -33.15 11.25 24.12
C LEU B 236 -33.06 11.68 25.59
N TYR B 237 -32.34 10.89 26.39
CA TYR B 237 -32.08 11.21 27.77
C TYR B 237 -31.08 12.39 27.87
N GLU B 238 -29.84 12.21 27.37
CA GLU B 238 -28.82 13.29 27.44
C GLU B 238 -29.24 14.66 26.88
N ALA B 239 -30.05 14.68 25.82
CA ALA B 239 -30.54 15.91 25.24
C ALA B 239 -31.46 16.65 26.20
N ARG B 240 -32.29 15.89 26.90
CA ARG B 240 -33.19 16.42 27.90
C ARG B 240 -32.40 16.89 29.13
N ASN B 241 -31.55 16.05 29.69
CA ASN B 241 -30.64 16.43 30.78
C ASN B 241 -29.84 17.73 30.46
N ARG B 242 -29.30 17.84 29.24
CA ARG B 242 -28.47 18.97 28.83
C ARG B 242 -29.28 20.24 28.62
N THR B 243 -30.56 20.09 28.26
CA THR B 243 -31.41 21.25 28.17
C THR B 243 -31.65 21.76 29.60
N LEU B 244 -31.90 20.83 30.52
CA LEU B 244 -32.10 21.20 31.92
C LEU B 244 -30.90 21.88 32.56
N ASN B 245 -29.70 21.31 32.40
CA ASN B 245 -28.52 21.96 32.96
C ASN B 245 -28.32 23.36 32.36
N LEU B 246 -28.77 23.55 31.12
CA LEU B 246 -28.67 24.87 30.51
C LEU B 246 -29.62 25.85 31.24
N ALA B 247 -30.88 25.47 31.40
CA ALA B 247 -31.84 26.23 32.19
C ALA B 247 -31.29 26.60 33.58
N LYS B 248 -30.84 25.59 34.32
CA LYS B 248 -30.16 25.82 35.59
C LYS B 248 -29.09 26.91 35.43
N LEU B 249 -28.15 26.70 34.52
CA LEU B 249 -27.01 27.60 34.37
C LEU B 249 -27.39 29.00 33.94
N THR B 250 -28.64 29.20 33.55
CA THR B 250 -29.08 30.53 33.15
C THR B 250 -30.24 31.03 34.01
N GLY B 251 -30.46 30.37 35.16
CA GLY B 251 -31.56 30.72 36.08
C GLY B 251 -32.88 30.66 35.34
N CYS B 252 -33.12 29.51 34.75
CA CYS B 252 -34.27 29.35 33.88
C CYS B 252 -35.09 28.14 34.26
N SER B 253 -34.67 27.40 35.29
CA SER B 253 -35.40 26.19 35.69
C SER B 253 -36.80 26.58 36.13
N ARG B 254 -37.79 25.79 35.72
CA ARG B 254 -39.18 26.05 36.07
C ARG B 254 -39.88 24.74 36.43
N GLU B 255 -41.21 24.78 36.36
CA GLU B 255 -42.06 23.62 36.59
C GLU B 255 -42.70 23.32 35.23
N ASN B 256 -43.70 24.12 34.84
CA ASN B 256 -44.24 24.09 33.48
C ASN B 256 -43.04 24.10 32.54
N GLU B 257 -42.88 23.01 31.78
CA GLU B 257 -41.79 22.88 30.81
C GLU B 257 -41.81 24.02 29.81
N THR B 258 -42.97 24.27 29.20
CA THR B 258 -43.11 25.35 28.21
C THR B 258 -42.60 26.71 28.74
N GLU B 259 -42.62 26.88 30.06
CA GLU B 259 -42.13 28.14 30.66
C GLU B 259 -40.59 28.23 30.61
N ILE B 260 -39.91 27.08 30.67
CA ILE B 260 -38.45 27.03 30.51
C ILE B 260 -38.02 27.61 29.17
N ILE B 261 -38.74 27.25 28.11
CA ILE B 261 -38.38 27.72 26.78
C ILE B 261 -38.63 29.21 26.68
N LYS B 262 -39.74 29.65 27.27
CA LYS B 262 -40.11 31.06 27.30
C LYS B 262 -39.02 31.95 27.93
N CYS B 263 -38.38 31.44 28.99
CA CYS B 263 -37.31 32.13 29.68
C CYS B 263 -36.00 32.04 28.88
N LEU B 264 -35.72 30.86 28.31
CA LEU B 264 -34.57 30.71 27.42
C LEU B 264 -34.70 31.56 26.17
N ARG B 265 -35.91 31.65 25.64
CA ARG B 265 -36.19 32.38 24.42
C ARG B 265 -35.97 33.89 24.60
N ASN B 266 -35.85 34.31 25.86
CA ASN B 266 -35.67 35.72 26.23
C ASN B 266 -34.24 36.08 26.59
N LYS B 267 -33.44 35.09 27.00
CA LYS B 267 -32.04 35.32 27.30
C LYS B 267 -31.26 35.87 26.10
N ASP B 268 -30.18 36.57 26.40
CA ASP B 268 -29.28 37.10 25.39
C ASP B 268 -28.60 35.93 24.66
N PRO B 269 -28.50 36.01 23.30
CA PRO B 269 -27.77 34.98 22.53
C PRO B 269 -26.42 34.62 23.14
N GLN B 270 -25.65 35.62 23.53
CA GLN B 270 -24.32 35.44 24.07
C GLN B 270 -24.33 34.73 25.45
N GLU B 271 -25.43 34.92 26.18
CA GLU B 271 -25.61 34.32 27.50
C GLU B 271 -25.70 32.82 27.34
N ILE B 272 -26.40 32.39 26.29
CA ILE B 272 -26.62 30.98 26.00
C ILE B 272 -25.29 30.34 25.55
N LEU B 273 -24.66 30.98 24.57
CA LEU B 273 -23.38 30.55 24.04
C LEU B 273 -22.35 30.31 25.11
N LEU B 274 -22.42 31.10 26.17
CA LEU B 274 -21.41 31.00 27.21
C LEU B 274 -21.59 29.77 28.05
N ASN B 275 -22.82 29.36 28.28
CA ASN B 275 -23.08 28.26 29.19
C ASN B 275 -23.11 26.91 28.49
N GLU B 276 -23.34 26.96 27.18
CA GLU B 276 -23.23 25.80 26.32
C GLU B 276 -22.04 24.92 26.72
N ALA B 277 -20.83 25.44 26.72
CA ALA B 277 -19.67 24.56 26.97
C ALA B 277 -19.74 23.76 28.28
N PHE B 278 -20.61 24.21 29.19
CA PHE B 278 -20.70 23.71 30.59
C PHE B 278 -21.88 22.78 30.92
N VAL B 279 -22.63 22.30 29.92
CA VAL B 279 -23.82 21.48 30.22
C VAL B 279 -23.52 19.98 30.26
N VAL B 280 -22.41 19.58 29.65
CA VAL B 280 -21.91 18.22 29.78
C VAL B 280 -20.94 18.22 30.97
N PRO B 281 -21.03 17.18 31.83
CA PRO B 281 -20.17 17.06 33.03
C PRO B 281 -18.64 17.03 32.72
N TYR B 282 -18.19 16.13 31.82
CA TYR B 282 -16.75 15.97 31.49
C TYR B 282 -16.35 16.43 30.09
N GLY B 283 -15.46 17.41 30.03
CA GLY B 283 -14.97 17.89 28.73
C GLY B 283 -14.25 16.81 27.95
N THR B 284 -14.50 16.81 26.63
CA THR B 284 -13.65 16.14 25.66
C THR B 284 -13.54 17.08 24.46
N PRO B 285 -12.36 17.14 23.81
CA PRO B 285 -12.21 18.06 22.71
C PRO B 285 -13.15 17.73 21.57
N LEU B 286 -13.79 16.56 21.65
CA LEU B 286 -14.69 16.06 20.60
C LEU B 286 -16.11 16.19 21.07
N SER B 287 -16.32 17.06 22.04
CA SER B 287 -17.65 17.25 22.58
C SER B 287 -18.61 17.90 21.60
N VAL B 288 -19.78 17.28 21.53
CA VAL B 288 -20.88 17.80 20.75
C VAL B 288 -22.01 18.07 21.74
N ASN B 289 -21.94 19.25 22.34
CA ASN B 289 -22.81 19.58 23.46
C ASN B 289 -24.29 19.59 23.06
N PHE B 290 -24.61 20.19 21.92
CA PHE B 290 -25.95 20.16 21.36
C PHE B 290 -25.93 19.72 19.93
N GLY B 291 -26.34 18.47 19.72
CA GLY B 291 -26.36 17.89 18.39
C GLY B 291 -27.70 17.23 18.10
N PRO B 292 -27.75 16.48 17.00
CA PRO B 292 -28.89 15.70 16.51
C PRO B 292 -29.38 14.72 17.55
N THR B 293 -30.69 14.62 17.68
CA THR B 293 -31.33 13.64 18.58
C THR B 293 -32.34 12.89 17.76
N VAL B 294 -32.92 11.84 18.35
CA VAL B 294 -34.05 11.24 17.71
C VAL B 294 -35.31 12.06 18.02
N ASP B 295 -35.75 12.87 17.08
CA ASP B 295 -36.90 13.69 17.41
C ASP B 295 -38.29 13.10 17.12
N GLY B 296 -38.35 12.05 16.31
CA GLY B 296 -39.63 11.54 15.83
C GLY B 296 -40.11 12.31 14.62
N ASP B 297 -39.48 13.43 14.29
CA ASP B 297 -39.89 14.18 13.12
C ASP B 297 -38.89 14.04 12.00
N PHE B 298 -37.71 14.62 12.13
CA PHE B 298 -36.66 14.47 11.11
C PHE B 298 -36.11 13.03 11.09
N LEU B 299 -35.93 12.47 12.27
CA LEU B 299 -35.52 11.12 12.44
C LEU B 299 -36.66 10.38 13.11
N THR B 300 -37.22 9.41 12.39
CA THR B 300 -38.39 8.69 12.92
C THR B 300 -38.00 7.56 13.86
N ASP B 301 -36.72 7.25 13.97
CA ASP B 301 -36.32 6.14 14.81
C ASP B 301 -34.82 6.17 15.03
N MET B 302 -34.37 5.48 16.06
CA MET B 302 -32.95 5.35 16.41
C MET B 302 -32.17 4.97 15.12
N PRO B 303 -31.23 5.83 14.65
CA PRO B 303 -30.59 5.59 13.36
C PRO B 303 -29.89 4.22 13.21
N ASP B 304 -29.29 3.68 14.28
CA ASP B 304 -28.74 2.31 14.23
C ASP B 304 -29.69 1.22 13.71
N ILE B 305 -30.93 1.24 14.21
CA ILE B 305 -31.99 0.36 13.74
C ILE B 305 -32.31 0.64 12.29
N LEU B 306 -32.47 1.92 11.95
CA LEU B 306 -32.86 2.26 10.60
C LEU B 306 -31.83 1.72 9.66
N LEU B 307 -30.56 1.71 10.09
CA LEU B 307 -29.46 1.41 9.15
C LEU B 307 -29.39 -0.07 8.96
N GLU B 308 -29.49 -0.73 10.09
CA GLU B 308 -29.41 -2.16 10.22
C GLU B 308 -30.47 -2.82 9.40
N LEU B 309 -31.61 -2.17 9.23
CA LEU B 309 -32.75 -2.78 8.56
C LEU B 309 -32.94 -2.20 7.19
N GLY B 310 -31.89 -1.56 6.66
CA GLY B 310 -31.94 -1.01 5.33
C GLY B 310 -33.10 -0.06 5.09
N GLN B 311 -33.52 0.66 6.13
CA GLN B 311 -34.51 1.72 5.93
C GLN B 311 -33.84 3.05 5.58
N PHE B 312 -33.35 3.18 4.35
CA PHE B 312 -32.71 4.43 3.94
C PHE B 312 -32.77 4.66 2.44
N LYS B 313 -32.45 5.85 1.99
CA LYS B 313 -32.50 6.10 0.57
C LYS B 313 -31.50 5.18 -0.14
N LYS B 314 -32.01 4.36 -1.04
CA LYS B 314 -31.15 3.49 -1.80
C LYS B 314 -30.61 4.36 -2.93
N THR B 315 -29.28 4.51 -2.94
CA THR B 315 -28.57 5.29 -3.96
C THR B 315 -27.04 5.00 -3.85
N GLN B 316 -26.24 5.54 -4.76
CA GLN B 316 -24.83 5.39 -4.65
C GLN B 316 -24.36 6.40 -3.62
N ILE B 317 -23.17 6.20 -3.04
CA ILE B 317 -22.57 7.11 -2.10
C ILE B 317 -21.06 7.00 -2.20
N LEU B 318 -20.38 8.10 -1.89
CA LEU B 318 -18.96 8.17 -1.88
C LEU B 318 -18.54 8.54 -0.44
N VAL B 319 -17.65 7.77 0.17
CA VAL B 319 -17.29 7.96 1.56
C VAL B 319 -15.78 7.83 1.70
N GLY B 320 -15.18 8.58 2.62
CA GLY B 320 -13.75 8.46 2.83
C GLY B 320 -13.25 9.23 4.02
N VAL B 321 -11.99 9.04 4.37
CA VAL B 321 -11.38 9.67 5.52
C VAL B 321 -9.94 10.07 5.21
N ASN B 322 -9.25 10.65 6.19
CA ASN B 322 -7.93 11.15 5.96
C ASN B 322 -6.99 10.40 6.85
N LYS B 323 -5.75 10.25 6.40
CA LYS B 323 -4.71 9.51 7.09
C LYS B 323 -4.58 9.87 8.58
N ASP B 324 -4.87 11.12 8.91
CA ASP B 324 -4.63 11.61 10.27
C ASP B 324 -5.77 12.43 10.86
N GLU B 325 -7.00 11.92 10.79
CA GLU B 325 -8.13 12.64 11.35
C GLU B 325 -7.86 13.05 12.81
N GLY B 326 -7.18 12.19 13.59
CA GLY B 326 -7.18 12.41 15.04
C GLY B 326 -6.32 13.56 15.58
N THR B 327 -5.15 13.75 14.97
CA THR B 327 -4.19 14.75 15.42
C THR B 327 -4.77 16.16 15.68
N ALA B 328 -5.65 16.66 14.81
CA ALA B 328 -6.21 18.02 14.98
C ALA B 328 -6.60 18.29 16.43
N PHE B 329 -7.13 17.26 17.09
CA PHE B 329 -7.76 17.44 18.39
C PHE B 329 -6.81 17.41 19.56
N LEU B 330 -5.60 16.92 19.36
CA LEU B 330 -4.74 16.65 20.49
C LEU B 330 -4.23 17.94 21.11
N VAL B 331 -4.20 18.98 20.30
CA VAL B 331 -3.69 20.26 20.70
C VAL B 331 -4.78 21.03 21.46
N TYR B 332 -5.95 20.44 21.61
CA TYR B 332 -6.95 21.15 22.38
C TYR B 332 -7.18 20.52 23.76
N GLY B 333 -6.09 20.15 24.43
CA GLY B 333 -6.24 19.68 25.81
C GLY B 333 -5.60 18.37 26.17
N ALA B 334 -4.87 17.75 25.24
CA ALA B 334 -4.08 16.58 25.59
C ALA B 334 -2.70 17.03 26.06
N PRO B 335 -2.30 16.64 27.28
CA PRO B 335 -1.01 17.00 27.88
C PRO B 335 0.17 16.59 27.00
N GLY B 336 1.15 17.49 26.85
CA GLY B 336 2.42 17.21 26.15
C GLY B 336 2.40 17.66 24.70
N PHE B 337 1.21 18.03 24.23
CA PHE B 337 0.97 18.39 22.81
C PHE B 337 0.94 19.89 22.63
N SER B 338 1.53 20.34 21.53
CA SER B 338 1.54 21.76 21.15
C SER B 338 1.78 21.87 19.63
N LYS B 339 1.19 22.89 19.01
CA LYS B 339 1.47 23.11 17.59
C LYS B 339 2.87 23.71 17.37
N ASP B 340 3.56 24.03 18.48
CA ASP B 340 4.86 24.67 18.41
C ASP B 340 6.06 23.75 18.64
N ASN B 341 6.04 22.86 19.62
CA ASN B 341 7.07 21.79 19.66
C ASN B 341 6.65 20.53 18.82
N ASN B 342 7.56 19.57 18.63
CA ASN B 342 7.24 18.32 17.93
C ASN B 342 6.58 17.26 18.85
N SER B 343 6.07 17.73 20.00
CA SER B 343 5.17 16.95 20.85
C SER B 343 5.51 15.49 21.15
N ILE B 344 6.80 15.14 21.21
CA ILE B 344 7.15 13.82 21.73
C ILE B 344 6.56 13.59 23.14
N ILE B 345 5.75 12.55 23.33
CA ILE B 345 5.19 12.27 24.66
C ILE B 345 5.69 10.95 25.30
N THR B 346 5.44 10.81 26.61
CA THR B 346 5.84 9.64 27.42
C THR B 346 4.65 8.78 27.74
N ARG B 347 4.89 7.47 27.85
CA ARG B 347 3.84 6.53 28.25
C ARG B 347 2.81 7.16 29.17
N LYS B 348 3.31 7.90 30.16
CA LYS B 348 2.48 8.52 31.20
C LYS B 348 1.57 9.60 30.65
N GLU B 349 2.06 10.39 29.69
CA GLU B 349 1.22 11.43 29.08
C GLU B 349 0.17 10.78 28.20
N PHE B 350 0.60 9.88 27.32
CA PHE B 350 -0.34 9.02 26.58
C PHE B 350 -1.51 8.54 27.44
N GLN B 351 -1.21 7.90 28.56
CA GLN B 351 -2.24 7.47 29.51
C GLN B 351 -3.15 8.59 30.01
N GLU B 352 -2.61 9.79 30.23
CA GLU B 352 -3.47 10.96 30.52
C GLU B 352 -4.30 11.37 29.29
N GLY B 353 -3.68 11.38 28.11
CA GLY B 353 -4.40 11.68 26.88
C GLY B 353 -5.62 10.80 26.85
N LEU B 354 -5.40 9.51 27.09
CA LEU B 354 -6.48 8.57 27.18
C LEU B 354 -7.60 9.03 28.10
N LYS B 355 -7.29 9.51 29.29
CA LYS B 355 -8.33 10.01 30.22
C LYS B 355 -9.04 11.25 29.67
N ILE B 356 -8.31 12.05 28.92
CA ILE B 356 -8.87 13.26 28.37
C ILE B 356 -9.93 12.91 27.36
N PHE B 357 -9.64 11.93 26.53
CA PHE B 357 -10.51 11.57 25.43
C PHE B 357 -11.61 10.52 25.71
N PHE B 358 -11.42 9.69 26.74
CA PHE B 358 -12.40 8.70 27.16
C PHE B 358 -12.69 8.89 28.65
N PRO B 359 -13.33 10.02 29.00
CA PRO B 359 -13.34 10.48 30.40
C PRO B 359 -14.00 9.47 31.37
N GLY B 360 -15.18 8.95 31.01
CA GLY B 360 -15.88 8.02 31.90
C GLY B 360 -15.75 6.56 31.51
N VAL B 361 -14.51 6.09 31.36
CA VAL B 361 -14.25 4.71 30.92
C VAL B 361 -13.38 3.95 31.91
N SER B 362 -13.79 2.71 32.13
CA SER B 362 -13.14 1.80 33.06
C SER B 362 -11.63 1.66 32.87
N GLU B 363 -10.88 1.51 33.97
CA GLU B 363 -9.45 1.12 33.95
C GLU B 363 -9.17 0.04 32.91
N PHE B 364 -10.23 -0.66 32.63
CA PHE B 364 -10.23 -1.76 31.75
C PHE B 364 -10.23 -1.41 30.26
N GLY B 365 -11.21 -0.59 29.90
CA GLY B 365 -11.27 0.03 28.62
C GLY B 365 -9.94 0.64 28.31
N LYS B 366 -9.48 1.57 29.15
CA LYS B 366 -8.23 2.28 28.92
C LYS B 366 -7.03 1.34 28.74
N GLU B 367 -6.97 0.27 29.53
CA GLU B 367 -5.84 -0.67 29.40
C GLU B 367 -5.90 -1.48 28.13
N SER B 368 -7.10 -1.69 27.59
CA SER B 368 -7.24 -2.35 26.31
C SER B 368 -6.83 -1.46 25.15
N ILE B 369 -7.33 -0.22 25.11
CA ILE B 369 -6.90 0.76 24.10
C ILE B 369 -5.36 0.77 24.06
N LEU B 370 -4.77 0.87 25.24
CA LEU B 370 -3.32 0.95 25.40
C LEU B 370 -2.60 -0.29 24.88
N PHE B 371 -3.20 -1.46 25.07
CA PHE B 371 -2.54 -2.66 24.65
C PHE B 371 -2.55 -2.77 23.15
N HIS B 372 -3.67 -2.39 22.55
CA HIS B 372 -3.81 -2.47 21.10
C HIS B 372 -2.97 -1.50 20.28
N TYR B 373 -2.68 -0.32 20.82
CA TYR B 373 -1.96 0.67 20.04
C TYR B 373 -0.52 0.80 20.43
N THR B 374 -0.09 -0.09 21.30
CA THR B 374 1.20 -0.01 21.96
C THR B 374 2.12 -1.17 21.59
N ASP B 375 1.57 -2.16 20.92
CA ASP B 375 2.34 -3.27 20.38
C ASP B 375 3.00 -2.85 19.07
N TRP B 376 4.31 -2.55 19.14
CA TRP B 376 5.01 -1.98 17.98
C TRP B 376 6.44 -2.50 17.75
N VAL B 377 7.05 -1.95 16.69
CA VAL B 377 8.50 -2.05 16.44
C VAL B 377 9.24 -0.94 17.24
N ASP B 378 9.25 -1.14 18.58
CA ASP B 378 9.71 -0.13 19.58
C ASP B 378 10.89 0.66 19.13
N ASP B 379 12.04 -0.01 19.02
CA ASP B 379 13.39 0.62 18.91
C ASP B 379 13.53 1.93 19.75
N GLN B 380 12.54 2.17 20.62
CA GLN B 380 12.27 3.50 21.19
C GLN B 380 12.34 4.62 20.13
N ARG B 381 11.54 4.48 19.06
CA ARG B 381 11.18 5.64 18.26
C ARG B 381 10.52 6.57 19.28
N PRO B 382 11.01 7.80 19.37
CA PRO B 382 10.50 8.67 20.42
C PRO B 382 9.03 9.04 20.20
N GLU B 383 8.64 9.12 18.93
CA GLU B 383 7.32 9.57 18.52
C GLU B 383 6.22 8.53 18.72
N ASN B 384 6.62 7.29 19.02
CA ASN B 384 5.72 6.17 19.16
C ASN B 384 4.40 6.51 19.81
N TYR B 385 4.48 7.07 21.02
CA TYR B 385 3.29 7.36 21.78
C TYR B 385 2.51 8.54 21.21
N ARG B 386 3.21 9.54 20.68
CA ARG B 386 2.58 10.70 20.03
C ARG B 386 1.67 10.25 18.88
N GLU B 387 2.24 9.41 18.03
CA GLU B 387 1.52 8.78 16.94
C GLU B 387 0.38 7.84 17.38
N ALA B 388 0.56 7.09 18.45
CA ALA B 388 -0.50 6.15 18.82
C ALA B 388 -1.74 6.86 19.31
N LEU B 389 -1.56 7.98 20.02
CA LEU B 389 -2.74 8.68 20.53
C LEU B 389 -3.53 9.34 19.41
N GLY B 390 -2.83 9.85 18.40
CA GLY B 390 -3.47 10.42 17.23
C GLY B 390 -4.33 9.38 16.55
N ASP B 391 -3.79 8.17 16.42
CA ASP B 391 -4.45 7.08 15.71
C ASP B 391 -5.62 6.54 16.51
N VAL B 392 -5.43 6.49 17.83
CA VAL B 392 -6.54 6.20 18.72
C VAL B 392 -7.72 7.11 18.45
N VAL B 393 -7.53 8.43 18.52
CA VAL B 393 -8.63 9.36 18.32
C VAL B 393 -9.21 9.29 16.90
N GLY B 394 -8.36 9.09 15.91
CA GLY B 394 -8.81 9.10 14.52
C GLY B 394 -9.63 7.88 14.16
N ASP B 395 -9.08 6.70 14.54
CA ASP B 395 -9.75 5.43 14.29
C ASP B 395 -11.11 5.38 14.99
N TYR B 396 -11.12 5.73 16.27
CA TYR B 396 -12.33 5.62 17.02
C TYR B 396 -13.50 6.55 16.55
N ASN B 397 -13.16 7.78 16.18
CA ASN B 397 -14.14 8.85 16.03
C ASN B 397 -14.52 9.11 14.60
N PHE B 398 -13.62 8.71 13.70
CA PHE B 398 -13.80 9.02 12.30
C PHE B 398 -13.69 7.78 11.42
N ILE B 399 -12.52 7.14 11.40
CA ILE B 399 -12.30 6.09 10.40
C ILE B 399 -13.21 4.88 10.56
N CYS B 400 -13.17 4.21 11.72
CA CYS B 400 -14.02 3.04 11.93
C CYS B 400 -15.51 3.31 11.78
N PRO B 401 -16.07 4.40 12.36
CA PRO B 401 -17.51 4.54 12.04
C PRO B 401 -17.77 4.78 10.54
N ALA B 402 -16.90 5.54 9.87
CA ALA B 402 -17.00 5.69 8.42
C ALA B 402 -16.96 4.35 7.71
N LEU B 403 -16.05 3.44 8.10
CA LEU B 403 -16.01 2.08 7.51
C LEU B 403 -17.23 1.25 7.84
N GLU B 404 -17.69 1.32 9.08
CA GLU B 404 -18.88 0.57 9.49
C GLU B 404 -20.09 1.05 8.67
N PHE B 405 -20.24 2.36 8.49
CA PHE B 405 -21.44 2.88 7.86
C PHE B 405 -21.44 2.41 6.42
N THR B 406 -20.27 2.38 5.79
CA THR B 406 -20.18 1.94 4.41
C THR B 406 -20.55 0.47 4.26
N LYS B 407 -19.98 -0.41 5.10
CA LYS B 407 -20.39 -1.83 5.09
C LYS B 407 -21.88 -2.00 5.21
N LYS B 408 -22.50 -1.42 6.23
CA LYS B 408 -23.96 -1.61 6.42
C LYS B 408 -24.85 -1.05 5.30
N PHE B 409 -24.33 -0.06 4.58
CA PHE B 409 -25.10 0.58 3.56
C PHE B 409 -25.02 -0.28 2.34
N SER B 410 -23.80 -0.62 1.93
CA SER B 410 -23.60 -1.55 0.81
C SER B 410 -24.41 -2.83 0.92
N GLU B 411 -24.51 -3.37 2.14
CA GLU B 411 -25.26 -4.60 2.35
C GLU B 411 -26.59 -4.68 1.62
N TRP B 412 -27.27 -3.55 1.43
CA TRP B 412 -28.60 -3.56 0.81
C TRP B 412 -28.58 -3.22 -0.66
N GLY B 413 -27.45 -3.46 -1.34
CA GLY B 413 -27.43 -3.38 -2.80
C GLY B 413 -26.74 -2.24 -3.53
N ASN B 414 -26.65 -1.05 -2.94
CA ASN B 414 -26.13 0.07 -3.77
C ASN B 414 -24.59 0.11 -3.85
N ASN B 415 -24.08 0.85 -4.82
CA ASN B 415 -22.67 1.02 -5.01
C ASN B 415 -22.21 2.04 -4.01
N ALA B 416 -21.15 1.70 -3.29
CA ALA B 416 -20.52 2.65 -2.41
C ALA B 416 -19.10 2.74 -2.88
N PHE B 417 -18.46 3.91 -2.71
CA PHE B 417 -17.06 4.12 -3.09
C PHE B 417 -16.32 4.72 -1.90
N PHE B 418 -15.20 4.12 -1.52
CA PHE B 418 -14.50 4.60 -0.35
C PHE B 418 -13.13 5.07 -0.80
N TYR B 419 -12.64 6.16 -0.17
CA TYR B 419 -11.34 6.76 -0.49
C TYR B 419 -10.57 6.95 0.77
N TYR B 420 -9.26 7.00 0.65
CA TYR B 420 -8.41 7.20 1.79
C TYR B 420 -7.49 8.31 1.41
N PHE B 421 -7.73 9.52 1.91
CA PHE B 421 -6.95 10.72 1.48
C PHE B 421 -5.61 10.85 2.20
N GLU B 422 -4.50 10.62 1.50
CA GLU B 422 -3.22 10.63 2.26
C GLU B 422 -2.20 11.70 1.84
N HIS B 423 -2.67 12.84 1.33
CA HIS B 423 -1.75 13.91 0.95
C HIS B 423 -1.76 15.08 1.90
N ARG B 424 -0.58 15.51 2.31
CA ARG B 424 -0.44 16.72 3.11
C ARG B 424 -0.28 17.99 2.26
N SER B 425 -1.16 18.97 2.45
CA SER B 425 -0.99 20.26 1.78
C SER B 425 0.40 20.83 2.08
N SER B 426 1.10 21.29 1.03
CA SER B 426 2.42 21.93 1.19
C SER B 426 2.23 23.23 1.95
N LYS B 427 1.02 23.79 1.86
CA LYS B 427 0.65 25.05 2.50
C LYS B 427 0.23 24.93 3.98
N LEU B 428 0.04 23.70 4.46
CA LEU B 428 -0.62 23.50 5.76
C LEU B 428 0.07 24.26 6.91
N PRO B 429 -0.69 25.14 7.57
CA PRO B 429 -0.21 25.96 8.70
C PRO B 429 0.25 25.18 9.94
N TRP B 430 -0.41 24.05 10.23
CA TRP B 430 -0.09 23.16 11.36
C TRP B 430 1.20 22.42 11.06
N PRO B 431 1.89 21.90 12.09
CA PRO B 431 3.21 21.31 11.85
C PRO B 431 3.20 19.91 11.24
N GLU B 432 4.33 19.51 10.65
CA GLU B 432 4.55 18.15 10.09
C GLU B 432 3.96 16.99 10.89
N TRP B 433 4.24 16.92 12.19
CA TRP B 433 3.82 15.75 12.95
C TRP B 433 2.33 15.53 12.80
N MET B 434 1.55 16.61 12.81
CA MET B 434 0.09 16.52 12.72
C MET B 434 -0.46 15.94 11.41
N GLY B 435 0.44 15.60 10.49
CA GLY B 435 0.11 14.86 9.27
C GLY B 435 -1.03 15.37 8.40
N VAL B 436 -1.90 14.47 7.97
CA VAL B 436 -2.93 14.80 7.01
C VAL B 436 -4.16 15.06 7.81
N MET B 437 -4.25 16.27 8.33
CA MET B 437 -5.27 16.58 9.33
C MET B 437 -6.73 16.46 8.88
N HIS B 438 -7.58 16.13 9.84
CA HIS B 438 -9.02 16.33 9.67
C HIS B 438 -9.31 17.72 9.04
N GLY B 439 -10.07 17.74 7.96
CA GLY B 439 -10.43 19.01 7.32
C GLY B 439 -9.62 19.39 6.08
N TYR B 440 -8.48 18.78 5.88
CA TYR B 440 -7.59 19.30 4.88
C TYR B 440 -7.65 18.60 3.54
N GLU B 441 -8.78 17.97 3.27
CA GLU B 441 -9.00 17.46 1.94
C GLU B 441 -9.91 18.47 1.28
N ILE B 442 -10.68 19.23 2.07
CA ILE B 442 -11.68 20.17 1.52
C ILE B 442 -11.11 21.14 0.44
N GLU B 443 -10.08 21.91 0.80
CA GLU B 443 -9.27 22.69 -0.19
C GLU B 443 -9.21 21.97 -1.54
N PHE B 444 -8.86 20.69 -1.56
CA PHE B 444 -8.74 19.97 -2.83
C PHE B 444 -10.06 19.68 -3.53
N VAL B 445 -11.04 19.17 -2.81
CA VAL B 445 -12.36 18.95 -3.35
C VAL B 445 -12.86 20.23 -4.02
N PHE B 446 -12.78 21.34 -3.28
CA PHE B 446 -13.27 22.65 -3.78
C PHE B 446 -12.38 23.30 -4.84
N GLY B 447 -11.32 22.60 -5.24
CA GLY B 447 -10.53 22.98 -6.41
C GLY B 447 -9.60 24.14 -6.11
N LEU B 448 -9.38 24.44 -4.83
CA LEU B 448 -8.56 25.59 -4.52
C LEU B 448 -7.16 25.52 -5.12
N PRO B 449 -6.58 24.32 -5.23
CA PRO B 449 -5.23 24.32 -5.82
C PRO B 449 -5.17 24.55 -7.32
N LEU B 450 -6.32 24.62 -7.98
CA LEU B 450 -6.30 24.87 -9.41
C LEU B 450 -5.84 26.31 -9.72
N GLU B 451 -5.70 27.10 -8.65
CA GLU B 451 -5.44 28.52 -8.72
C GLU B 451 -3.95 28.69 -8.79
N ARG B 452 -3.48 28.86 -10.03
CA ARG B 452 -2.07 29.14 -10.33
C ARG B 452 -1.46 30.07 -9.25
N ARG B 453 -2.17 31.17 -8.98
CA ARG B 453 -1.66 32.30 -8.21
C ARG B 453 -1.52 32.09 -6.68
N ASP B 454 -2.09 31.01 -6.15
CA ASP B 454 -1.73 30.61 -4.78
C ASP B 454 -0.48 29.73 -4.86
N ASN B 455 0.09 29.36 -3.71
CA ASN B 455 1.38 28.72 -3.80
C ASN B 455 1.33 27.18 -3.66
N TYR B 456 0.34 26.57 -4.31
CA TYR B 456 0.25 25.11 -4.33
C TYR B 456 1.19 24.55 -5.40
N THR B 457 1.70 23.35 -5.17
CA THR B 457 2.59 22.68 -6.14
C THR B 457 1.87 22.20 -7.42
N LYS B 458 2.64 21.97 -8.47
CA LYS B 458 2.08 21.38 -9.68
C LYS B 458 1.47 20.01 -9.36
N ALA B 459 2.12 19.24 -8.49
CA ALA B 459 1.58 17.95 -8.10
C ALA B 459 0.22 18.12 -7.44
N GLU B 460 0.13 19.08 -6.50
CA GLU B 460 -1.15 19.48 -5.87
C GLU B 460 -2.23 19.95 -6.85
N GLU B 461 -1.84 20.71 -7.86
CA GLU B 461 -2.80 21.05 -8.92
C GLU B 461 -3.31 19.83 -9.72
N ILE B 462 -2.42 18.87 -9.96
CA ILE B 462 -2.85 17.63 -10.64
C ILE B 462 -3.79 16.86 -9.69
N LEU B 463 -3.43 16.71 -8.41
CA LEU B 463 -4.28 15.95 -7.50
C LEU B 463 -5.68 16.53 -7.35
N SER B 464 -5.77 17.83 -7.02
CA SER B 464 -7.06 18.54 -6.89
C SER B 464 -7.91 18.46 -8.16
N ARG B 465 -7.27 18.66 -9.32
CA ARG B 465 -7.93 18.51 -10.60
C ARG B 465 -8.66 17.18 -10.75
N SER B 466 -7.94 16.13 -10.39
CA SER B 466 -8.40 14.78 -10.57
C SER B 466 -9.53 14.49 -9.55
N ILE B 467 -9.33 14.89 -8.30
CA ILE B 467 -10.38 14.79 -7.31
C ILE B 467 -11.62 15.57 -7.77
N VAL B 468 -11.43 16.81 -8.27
CA VAL B 468 -12.55 17.67 -8.71
C VAL B 468 -13.37 16.94 -9.80
N LYS B 469 -12.65 16.34 -10.74
CA LYS B 469 -13.25 15.52 -11.76
C LYS B 469 -14.04 14.29 -11.22
N ARG B 470 -13.41 13.53 -10.32
CA ARG B 470 -14.07 12.32 -9.75
C ARG B 470 -15.36 12.70 -9.04
N TRP B 471 -15.28 13.74 -8.23
CA TRP B 471 -16.46 14.26 -7.49
C TRP B 471 -17.56 14.75 -8.40
N ALA B 472 -17.20 15.54 -9.41
CA ALA B 472 -18.19 15.93 -10.40
C ALA B 472 -18.74 14.69 -11.15
N ASN B 473 -17.88 13.77 -11.58
CA ASN B 473 -18.39 12.58 -12.26
C ASN B 473 -19.32 11.77 -11.39
N PHE B 474 -19.00 11.63 -10.09
CA PHE B 474 -19.91 10.95 -9.21
C PHE B 474 -21.26 11.70 -9.20
N ALA B 475 -21.22 13.03 -8.98
CA ALA B 475 -22.46 13.85 -8.94
C ALA B 475 -23.26 13.66 -10.20
N LYS B 476 -22.63 13.88 -11.36
CA LYS B 476 -23.34 13.77 -12.62
C LYS B 476 -23.78 12.33 -12.91
N TYR B 477 -22.89 11.37 -12.72
CA TYR B 477 -23.12 10.04 -13.31
C TYR B 477 -23.15 8.88 -12.29
N GLY B 478 -22.93 9.17 -11.02
CA GLY B 478 -22.92 8.12 -10.00
C GLY B 478 -21.72 7.21 -10.07
N ASN B 479 -20.58 7.71 -10.52
CA ASN B 479 -19.42 6.86 -10.84
C ASN B 479 -18.15 7.70 -10.80
N PRO B 480 -17.40 7.64 -9.69
CA PRO B 480 -16.36 8.65 -9.48
C PRO B 480 -15.08 8.34 -10.21
N ASN B 481 -15.19 7.96 -11.48
CA ASN B 481 -13.99 7.66 -12.22
C ASN B 481 -13.41 8.91 -12.90
N GLU B 482 -12.15 8.82 -13.34
CA GLU B 482 -11.47 9.89 -14.05
C GLU B 482 -10.93 9.27 -15.33
N THR B 483 -11.77 9.18 -16.35
CA THR B 483 -11.47 8.43 -17.55
C THR B 483 -10.55 9.12 -18.58
N GLN B 484 -9.65 10.04 -18.24
CA GLN B 484 -8.80 10.57 -19.34
C GLN B 484 -7.36 10.34 -18.97
N ASN B 485 -6.94 10.99 -17.90
CA ASN B 485 -5.57 10.93 -17.40
C ASN B 485 -5.31 9.74 -16.43
N ASN B 486 -6.38 9.14 -15.89
CA ASN B 486 -6.26 8.13 -14.82
C ASN B 486 -5.92 6.75 -15.34
N SER B 487 -4.92 6.14 -14.73
CA SER B 487 -4.72 4.67 -14.76
C SER B 487 -5.29 4.13 -13.43
N THR B 488 -5.78 2.88 -13.44
CA THR B 488 -6.53 2.28 -12.26
C THR B 488 -7.84 3.06 -11.93
N SER B 489 -8.96 2.49 -12.36
CA SER B 489 -10.26 3.07 -12.04
C SER B 489 -10.69 2.68 -10.62
N TRP B 490 -11.62 3.44 -10.05
CA TRP B 490 -12.04 3.30 -8.68
C TRP B 490 -13.12 2.23 -8.51
N PRO B 491 -12.79 1.13 -7.82
CA PRO B 491 -13.69 0.01 -7.69
C PRO B 491 -14.75 0.16 -6.60
N VAL B 492 -15.86 -0.53 -6.81
CA VAL B 492 -16.97 -0.51 -5.89
C VAL B 492 -16.61 -1.14 -4.55
N PHE B 493 -17.04 -0.52 -3.44
CA PHE B 493 -16.88 -1.10 -2.13
C PHE B 493 -18.00 -2.11 -1.89
N LYS B 494 -17.65 -3.35 -1.54
CA LYS B 494 -18.61 -4.41 -1.31
C LYS B 494 -18.24 -5.06 0.00
N SER B 495 -19.23 -5.59 0.73
CA SER B 495 -18.97 -5.95 2.15
C SER B 495 -17.99 -7.09 2.34
N THR B 496 -17.89 -7.94 1.34
CA THR B 496 -16.94 -9.03 1.40
C THR B 496 -15.51 -8.57 1.15
N GLU B 497 -15.23 -7.92 0.00
CA GLU B 497 -13.84 -7.61 -0.36
C GLU B 497 -13.28 -6.28 0.18
N GLN B 498 -14.13 -5.26 0.28
CA GLN B 498 -13.77 -4.02 0.97
C GLN B 498 -12.67 -3.22 0.34
N LYS B 499 -12.81 -3.00 -0.95
CA LYS B 499 -11.86 -2.23 -1.74
C LYS B 499 -12.06 -0.75 -1.52
N TYR B 500 -10.95 -0.03 -1.48
CA TYR B 500 -11.00 1.41 -1.40
C TYR B 500 -9.87 2.04 -2.17
N LEU B 501 -10.07 3.28 -2.66
CA LEU B 501 -9.04 3.98 -3.43
C LEU B 501 -8.15 4.93 -2.58
N THR B 502 -6.88 5.00 -2.92
CA THR B 502 -5.86 5.83 -2.29
C THR B 502 -5.72 7.13 -3.07
N LEU B 503 -5.88 8.26 -2.40
CA LEU B 503 -5.74 9.58 -3.00
C LEU B 503 -4.49 10.25 -2.50
N ASN B 504 -3.50 10.36 -3.40
CA ASN B 504 -2.20 10.94 -3.11
C ASN B 504 -1.61 11.61 -4.35
N THR B 505 -0.52 12.35 -4.16
CA THR B 505 0.26 12.95 -5.24
C THR B 505 1.12 11.90 -5.92
N GLU B 506 1.72 10.99 -5.16
CA GLU B 506 2.47 9.88 -5.81
C GLU B 506 1.59 8.74 -6.35
N SER B 507 1.72 7.59 -5.68
CA SER B 507 1.11 6.29 -6.04
C SER B 507 -0.34 6.22 -6.59
N THR B 508 -1.33 6.56 -5.78
CA THR B 508 -2.74 6.20 -6.10
C THR B 508 -2.98 4.68 -6.36
N ARG B 509 -3.08 3.92 -5.26
CA ARG B 509 -3.20 2.47 -5.27
C ARG B 509 -4.64 2.05 -4.90
N ILE B 510 -5.08 0.86 -5.32
CA ILE B 510 -6.31 0.25 -4.83
C ILE B 510 -5.96 -0.71 -3.68
N MET B 511 -6.61 -0.57 -2.53
CA MET B 511 -6.20 -1.37 -1.37
C MET B 511 -7.38 -1.98 -0.72
N THR B 512 -7.21 -2.90 0.23
CA THR B 512 -8.38 -3.52 0.86
C THR B 512 -8.37 -3.50 2.37
N LYS B 513 -9.56 -3.72 2.94
CA LYS B 513 -9.82 -3.66 4.38
C LYS B 513 -8.98 -2.65 5.18
N LEU B 514 -9.37 -1.37 5.15
CA LEU B 514 -8.61 -0.31 5.82
C LEU B 514 -8.66 -0.50 7.31
N ARG B 515 -7.54 -0.26 7.98
CA ARG B 515 -7.45 -0.31 9.46
C ARG B 515 -8.23 -1.48 10.01
N ALA B 516 -7.97 -2.67 9.47
CA ALA B 516 -8.85 -3.82 9.74
C ALA B 516 -8.78 -4.26 11.18
N GLN B 517 -7.57 -4.38 11.73
CA GLN B 517 -7.39 -4.80 13.14
C GLN B 517 -8.04 -3.82 14.08
N GLN B 518 -7.72 -2.56 13.81
CA GLN B 518 -8.17 -1.46 14.60
C GLN B 518 -9.68 -1.36 14.56
N CYS B 519 -10.31 -1.70 13.45
CA CYS B 519 -11.72 -1.52 13.46
C CYS B 519 -12.45 -2.64 14.15
N ARG B 520 -11.82 -3.82 14.16
CA ARG B 520 -12.35 -4.97 14.86
C ARG B 520 -12.37 -4.66 16.35
N PHE B 521 -11.28 -4.05 16.84
CA PHE B 521 -11.22 -3.65 18.22
C PHE B 521 -12.29 -2.62 18.58
N TRP B 522 -12.36 -1.55 17.79
CA TRP B 522 -13.30 -0.47 18.08
C TRP B 522 -14.74 -0.89 17.89
N THR B 523 -15.00 -1.79 16.95
CA THR B 523 -16.40 -2.17 16.69
C THR B 523 -16.88 -3.47 17.36
N SER B 524 -15.98 -4.39 17.71
CA SER B 524 -16.41 -5.57 18.47
C SER B 524 -15.90 -5.57 19.90
N PHE B 525 -14.58 -5.56 20.05
CA PHE B 525 -13.97 -5.79 21.36
C PHE B 525 -14.28 -4.73 22.40
N PHE B 526 -14.01 -3.48 22.01
CA PHE B 526 -14.15 -2.34 22.92
C PHE B 526 -15.57 -2.13 23.41
N PRO B 527 -16.59 -2.12 22.51
CA PRO B 527 -17.97 -2.17 22.97
C PRO B 527 -18.29 -3.30 23.97
N LYS B 528 -17.66 -4.48 23.86
CA LYS B 528 -17.81 -5.53 24.89
C LYS B 528 -17.27 -5.08 26.23
N VAL B 529 -16.09 -4.49 26.26
CA VAL B 529 -15.52 -4.00 27.51
C VAL B 529 -16.44 -2.94 28.16
N LEU B 530 -16.95 -2.01 27.36
CA LEU B 530 -17.89 -0.99 27.86
C LEU B 530 -19.15 -1.57 28.49
N GLU B 531 -19.66 -2.63 27.89
CA GLU B 531 -20.80 -3.36 28.41
C GLU B 531 -20.55 -3.82 29.84
N MET B 532 -19.36 -4.36 30.10
CA MET B 532 -19.04 -4.98 31.39
C MET B 532 -19.10 -4.03 32.54
N THR B 533 -18.46 -2.88 32.38
CA THR B 533 -18.42 -1.94 33.47
C THR B 533 -19.63 -1.00 33.45
N GLY B 534 -20.82 -1.57 33.67
CA GLY B 534 -22.09 -0.82 33.85
C GLY B 534 -22.67 -0.04 32.66
C BEZ C . 23.09 -11.99 -9.98
O1 BEZ C . 24.08 -11.41 -9.42
O2 BEZ C . 22.37 -12.78 -9.32
C1 BEZ C . 22.83 -11.79 -11.46
C2 BEZ C . 23.86 -11.39 -12.31
C3 BEZ C . 23.62 -11.22 -13.68
C4 BEZ C . 22.35 -11.43 -14.19
C5 BEZ C . 21.33 -11.82 -13.35
C6 BEZ C . 21.56 -12.00 -11.99
C BEZ D . -15.06 19.18 13.64
O1 BEZ D . -14.20 20.09 13.79
O2 BEZ D . -15.59 19.07 12.52
C1 BEZ D . -15.52 18.29 14.78
C2 BEZ D . -15.54 18.75 16.10
C3 BEZ D . -16.01 17.92 17.14
C4 BEZ D . -16.47 16.63 16.88
C5 BEZ D . -16.46 16.17 15.56
C6 BEZ D . -15.99 16.99 14.53
#